data_6SCY
#
_entry.id   6SCY
#
_cell.length_a   54.980
_cell.length_b   84.480
_cell.length_c   145.440
_cell.angle_alpha   90.00
_cell.angle_beta   90.00
_cell.angle_gamma   90.00
#
_symmetry.space_group_name_H-M   'P 21 21 21'
#
loop_
_entity.id
_entity.type
_entity.pdbx_description
1 polymer '[4Fe-4S]-dependent U34-ARNt thiolase'
2 polymer '[4Fe-4S]-dependent U34-ARNt thiolase'
3 non-polymer 'ZINC ION'
4 non-polymer 'IRON/SULFUR CLUSTER'
5 non-polymer 'SULFATE ION'
6 water water
#
loop_
_entity_poly.entity_id
_entity_poly.type
_entity_poly.pdbx_seq_one_letter_code
_entity_poly.pdbx_strand_id
1 'polypeptide(L)'
;MITMKCRKCGKPSIYHQKHSGNNYCKECFIKETKRKVRKTLGRDVLKNNIKVAMGLSGGKDSLVMAYLLNEYYKQIPNSN
LIAIMVNEGIEGYRTDGIDAAVKFCEEYGIEYKIVHFKDYLGTNLDEIVKIAKEKNLTMNPCSFCGVIRRKILNRVSIEE
KCDFLAIGHNLDDVAQAVMMNYIEGDVKKLAFLGKSLKHPKFVKRIKPLEKIPEDEVLLLAEMLELKYHKSPCPYSCLSF
RSEVSDITDNLEKNHPGSKYSIVRGYERLLEHIELPGYTGECKICGDLSATEVCKVCSYLKNLGILEK
;
A
2 'polypeptide(L)'
;MITMKCRKCGKPSIYHQKHSGNNYCKECFIKETKRKVRKTLGRDVLKNNIKVAMGLSGGKDSLVMAYLLNEYYKQIPNSN
LIAIMVNEGIEGYRTDGIDAAVKFCEEYGIEYKIVHFKDYLGTNLDEIVKIAKEKNLTMNPCSFCGVIRRKILNRVSIEE
KCDFLAIGHNLDDVAQAVMMNYIEGDVKKLAFLGKSLKHPKFVKRIKPLEKIPEDEVLLLAEMLELKYHKSPCPYSCLSF
RSEVSDITDNLEKNHPGSKYSIVRGYERLLEHIELPGYTGECKICGGLSATEVCKVCSYGKNLGILEKSKF
;
B
#
loop_
_chem_comp.id
_chem_comp.type
_chem_comp.name
_chem_comp.formula
SF4 non-polymer 'IRON/SULFUR CLUSTER' 'Fe4 S4'
SO4 non-polymer 'SULFATE ION' 'O4 S -2'
ZN non-polymer 'ZINC ION' 'Zn 2'
#
# COMPACT_ATOMS: atom_id res chain seq x y z
N MET A 1 4.48 23.77 32.10
CA MET A 1 4.28 22.35 31.78
C MET A 1 3.82 22.18 30.32
N ILE A 2 2.52 22.42 30.03
CA ILE A 2 1.92 22.32 28.70
C ILE A 2 1.59 23.74 28.21
N THR A 3 2.52 24.35 27.46
CA THR A 3 2.46 25.71 26.89
C THR A 3 2.40 25.60 25.36
N MET A 4 3.22 26.38 24.61
CA MET A 4 3.31 26.36 23.15
C MET A 4 4.63 26.96 22.64
N LYS A 5 5.59 27.15 23.56
CA LYS A 5 6.91 27.69 23.21
C LYS A 5 7.64 26.85 22.15
N CYS A 6 8.43 27.51 21.29
CA CYS A 6 9.20 26.93 20.20
C CYS A 6 10.16 25.84 20.71
N ARG A 7 10.22 24.69 19.99
CA ARG A 7 11.08 23.55 20.32
C ARG A 7 12.59 23.89 20.26
N LYS A 8 12.99 24.82 19.38
CA LYS A 8 14.39 25.21 19.18
C LYS A 8 14.87 26.44 19.97
N CYS A 9 13.97 27.39 20.31
CA CYS A 9 14.37 28.61 21.02
C CYS A 9 13.44 29.02 22.19
N GLY A 10 12.37 28.27 22.41
CA GLY A 10 11.39 28.52 23.48
C GLY A 10 10.57 29.79 23.36
N LYS A 11 10.47 30.36 22.14
CA LYS A 11 9.74 31.60 21.87
C LYS A 11 8.32 31.33 21.36
N PRO A 12 7.34 32.27 21.51
CA PRO A 12 5.99 32.00 20.98
C PRO A 12 6.02 31.47 19.55
N SER A 13 5.21 30.44 19.29
CA SER A 13 5.17 29.70 18.04
C SER A 13 4.10 30.14 17.04
N ILE A 14 4.34 29.86 15.75
CA ILE A 14 3.44 30.17 14.62
C ILE A 14 2.95 28.89 13.94
N TYR A 15 3.58 27.75 14.22
CA TYR A 15 3.20 26.49 13.60
C TYR A 15 3.37 25.33 14.55
N HIS A 16 2.33 24.51 14.65
CA HIS A 16 2.33 23.30 15.45
C HIS A 16 2.38 22.11 14.49
N GLN A 17 3.55 21.46 14.41
CA GLN A 17 3.80 20.31 13.55
C GLN A 17 3.09 19.12 14.16
N LYS A 18 1.80 18.94 13.80
CA LYS A 18 0.88 17.92 14.29
C LYS A 18 1.46 16.50 14.27
N HIS A 19 2.38 16.18 13.34
CA HIS A 19 2.97 14.84 13.28
C HIS A 19 4.03 14.61 14.37
N SER A 20 4.92 15.57 14.61
CA SER A 20 5.97 15.47 15.65
C SER A 20 5.52 15.93 17.05
N GLY A 21 4.50 16.79 17.09
CA GLY A 21 3.98 17.38 18.33
C GLY A 21 4.83 18.55 18.77
N ASN A 22 5.60 19.09 17.83
CA ASN A 22 6.49 20.21 18.08
C ASN A 22 5.92 21.53 17.61
N ASN A 23 6.47 22.60 18.16
CA ASN A 23 6.06 23.97 17.86
C ASN A 23 7.25 24.77 17.34
N TYR A 24 7.05 25.55 16.26
CA TYR A 24 8.09 26.37 15.63
C TYR A 24 7.60 27.77 15.28
N CYS A 25 8.41 28.79 15.61
CA CYS A 25 8.13 30.18 15.26
C CYS A 25 8.50 30.36 13.78
N LYS A 26 8.34 31.56 13.20
CA LYS A 26 8.67 31.81 11.78
C LYS A 26 10.11 31.39 11.44
N GLU A 27 11.10 31.97 12.16
CA GLU A 27 12.54 31.76 11.97
C GLU A 27 13.00 30.33 12.13
N CYS A 28 12.47 29.61 13.14
CA CYS A 28 12.84 28.20 13.40
C CYS A 28 12.17 27.24 12.43
N PHE A 29 11.01 27.61 11.87
CA PHE A 29 10.31 26.76 10.91
C PHE A 29 11.05 26.79 9.57
N ILE A 30 11.42 28.01 9.09
CA ILE A 30 12.17 28.26 7.86
C ILE A 30 13.52 27.51 7.90
N LYS A 31 14.18 27.53 9.06
CA LYS A 31 15.47 26.89 9.33
C LYS A 31 15.35 25.37 9.30
N GLU A 32 14.24 24.79 9.82
CA GLU A 32 14.01 23.34 9.84
C GLU A 32 13.50 22.82 8.51
N THR A 33 12.85 23.67 7.70
CA THR A 33 12.39 23.30 6.36
C THR A 33 13.61 23.27 5.45
N LYS A 34 14.49 24.29 5.56
CA LYS A 34 15.74 24.40 4.80
C LYS A 34 16.66 23.22 5.14
N ARG A 35 16.69 22.79 6.41
CA ARG A 35 17.50 21.67 6.91
C ARG A 35 17.02 20.34 6.33
N LYS A 36 15.69 20.13 6.26
CA LYS A 36 15.06 18.92 5.73
C LYS A 36 15.25 18.79 4.22
N VAL A 37 15.21 19.94 3.49
CA VAL A 37 15.41 20.01 2.03
C VAL A 37 16.89 19.74 1.72
N ARG A 38 17.80 20.29 2.54
CA ARG A 38 19.25 20.10 2.45
C ARG A 38 19.57 18.62 2.65
N LYS A 39 18.82 17.95 3.53
CA LYS A 39 18.94 16.52 3.86
C LYS A 39 18.41 15.68 2.69
N THR A 40 17.26 16.08 2.08
CA THR A 40 16.63 15.37 0.94
C THR A 40 17.54 15.35 -0.31
N LEU A 41 18.16 16.50 -0.64
CA LEU A 41 19.02 16.65 -1.82
C LEU A 41 20.40 16.00 -1.66
N GLY A 42 21.07 16.25 -0.53
CA GLY A 42 22.39 15.70 -0.25
C GLY A 42 23.55 16.51 -0.80
N ARG A 43 24.79 16.09 -0.46
CA ARG A 43 26.06 16.72 -0.87
C ARG A 43 26.28 16.68 -2.38
N ASP A 44 25.78 15.63 -3.05
CA ASP A 44 25.94 15.41 -4.49
C ASP A 44 25.17 16.43 -5.33
N VAL A 45 24.02 16.90 -4.80
CA VAL A 45 23.16 17.89 -5.45
C VAL A 45 23.55 19.30 -5.01
N LEU A 46 23.77 19.50 -3.70
CA LEU A 46 24.15 20.80 -3.17
C LEU A 46 25.66 20.91 -3.09
N LYS A 47 26.30 21.27 -4.21
CA LYS A 47 27.75 21.46 -4.32
C LYS A 47 28.09 22.40 -5.47
N ASN A 48 29.38 22.72 -5.64
CA ASN A 48 29.88 23.57 -6.71
C ASN A 48 30.00 22.76 -8.02
N ASN A 49 30.11 23.44 -9.16
CA ASN A 49 30.28 22.85 -10.50
C ASN A 49 29.07 22.00 -10.97
N ILE A 50 27.84 22.40 -10.59
CA ILE A 50 26.63 21.71 -11.09
C ILE A 50 25.56 22.70 -11.58
N LYS A 51 24.76 22.29 -12.58
CA LYS A 51 23.68 23.06 -13.20
C LYS A 51 22.36 22.34 -12.93
N VAL A 52 21.36 23.03 -12.34
CA VAL A 52 20.08 22.40 -12.03
C VAL A 52 18.92 23.08 -12.76
N ALA A 53 18.27 22.34 -13.66
CA ALA A 53 17.08 22.76 -14.39
C ALA A 53 15.93 22.50 -13.45
N MET A 54 14.86 23.31 -13.51
CA MET A 54 13.75 23.07 -12.61
C MET A 54 12.41 23.35 -13.24
N GLY A 55 11.56 22.33 -13.26
CA GLY A 55 10.22 22.42 -13.80
C GLY A 55 9.34 23.29 -12.94
N LEU A 56 9.06 24.51 -13.44
CA LEU A 56 8.22 25.52 -12.79
C LEU A 56 6.86 25.59 -13.46
N SER A 57 5.79 25.65 -12.64
CA SER A 57 4.42 25.72 -13.17
C SER A 57 3.58 26.84 -12.54
N GLY A 58 4.21 27.69 -11.72
CA GLY A 58 3.54 28.84 -11.10
C GLY A 58 2.89 28.65 -9.75
N GLY A 59 2.65 27.39 -9.36
CA GLY A 59 2.03 27.06 -8.08
C GLY A 59 2.96 27.22 -6.91
N LYS A 60 2.40 27.19 -5.67
CA LYS A 60 3.18 27.36 -4.43
C LYS A 60 4.40 26.46 -4.39
N ASP A 61 4.24 25.14 -4.69
CA ASP A 61 5.30 24.12 -4.72
C ASP A 61 6.51 24.52 -5.57
N SER A 62 6.29 24.77 -6.88
CA SER A 62 7.35 25.16 -7.83
C SER A 62 8.07 26.45 -7.47
N LEU A 63 7.36 27.44 -6.89
CA LEU A 63 7.92 28.72 -6.44
C LEU A 63 8.70 28.58 -5.11
N VAL A 64 8.16 27.76 -4.16
CA VAL A 64 8.79 27.45 -2.85
C VAL A 64 10.08 26.69 -3.11
N MET A 65 10.05 25.68 -4.01
CA MET A 65 11.21 24.90 -4.42
C MET A 65 12.22 25.81 -5.14
N ALA A 66 11.72 26.69 -6.03
CA ALA A 66 12.55 27.63 -6.78
C ALA A 66 13.26 28.62 -5.86
N TYR A 67 12.58 29.09 -4.79
CA TYR A 67 13.13 30.04 -3.82
C TYR A 67 14.22 29.38 -2.97
N LEU A 68 13.96 28.15 -2.44
CA LEU A 68 14.91 27.43 -1.60
C LEU A 68 16.17 27.13 -2.39
N LEU A 69 16.05 26.46 -3.56
CA LEU A 69 17.17 26.15 -4.44
C LEU A 69 18.00 27.38 -4.79
N ASN A 70 17.33 28.51 -5.08
CA ASN A 70 18.01 29.77 -5.40
C ASN A 70 18.84 30.30 -4.23
N GLU A 71 18.31 30.21 -2.99
CA GLU A 71 19.00 30.63 -1.76
C GLU A 71 20.33 29.91 -1.63
N TYR A 72 20.35 28.58 -1.89
CA TYR A 72 21.54 27.76 -1.81
CA TYR A 72 21.57 27.81 -1.80
C TYR A 72 22.56 28.16 -2.91
N TYR A 73 22.16 27.99 -4.20
CA TYR A 73 23.01 28.26 -5.36
C TYR A 73 23.40 29.74 -5.53
N LYS A 74 22.80 30.65 -4.75
CA LYS A 74 23.10 32.08 -4.76
C LYS A 74 24.51 32.31 -4.22
N GLN A 75 24.88 31.59 -3.16
CA GLN A 75 26.20 31.76 -2.58
C GLN A 75 27.25 30.88 -3.25
N ILE A 76 26.83 29.82 -3.97
CA ILE A 76 27.72 28.88 -4.66
C ILE A 76 28.11 29.52 -6.01
N PRO A 77 29.42 29.83 -6.21
CA PRO A 77 29.81 30.60 -7.41
C PRO A 77 29.68 29.87 -8.75
N ASN A 78 30.18 28.62 -8.84
CA ASN A 78 30.17 27.83 -10.05
C ASN A 78 29.00 26.87 -10.13
N SER A 79 27.81 27.32 -9.74
CA SER A 79 26.61 26.50 -9.83
C SER A 79 25.45 27.27 -10.40
N ASN A 80 24.78 26.73 -11.43
CA ASN A 80 23.71 27.41 -12.16
C ASN A 80 22.33 26.83 -11.86
N LEU A 81 21.28 27.64 -12.10
CA LEU A 81 19.89 27.26 -11.88
C LEU A 81 19.03 27.82 -13.03
N ILE A 82 18.42 26.94 -13.84
CA ILE A 82 17.59 27.31 -14.97
C ILE A 82 16.15 26.85 -14.69
N ALA A 83 15.15 27.69 -15.00
CA ALA A 83 13.74 27.35 -14.81
C ALA A 83 13.08 27.07 -16.13
N ILE A 84 12.33 25.97 -16.23
CA ILE A 84 11.63 25.60 -17.47
C ILE A 84 10.13 25.57 -17.24
N MET A 85 9.40 26.38 -18.02
CA MET A 85 7.94 26.45 -18.00
C MET A 85 7.42 25.78 -19.27
N VAL A 86 6.52 24.79 -19.13
CA VAL A 86 5.98 24.08 -20.29
C VAL A 86 4.51 24.42 -20.54
N ASN A 87 4.22 25.27 -21.54
CA ASN A 87 2.82 25.60 -21.87
C ASN A 87 2.26 24.44 -22.68
N GLU A 88 1.35 23.67 -22.06
CA GLU A 88 0.72 22.52 -22.68
C GLU A 88 -0.13 22.89 -23.90
N GLY A 89 -0.45 24.18 -24.03
CA GLY A 89 -1.22 24.73 -25.14
C GLY A 89 -2.68 24.35 -25.10
N ILE A 90 -3.12 23.63 -24.04
CA ILE A 90 -4.50 23.17 -23.85
C ILE A 90 -5.36 24.36 -23.37
N GLU A 91 -5.51 25.37 -24.27
CA GLU A 91 -6.27 26.63 -24.17
C GLU A 91 -6.39 27.17 -22.72
N GLY A 92 -7.60 27.61 -22.35
CA GLY A 92 -7.98 28.10 -21.03
C GLY A 92 -7.12 29.23 -20.48
N TYR A 93 -6.64 29.05 -19.23
CA TYR A 93 -5.81 30.05 -18.56
C TYR A 93 -4.61 29.41 -17.83
N ARG A 94 -3.68 28.89 -18.63
CA ARG A 94 -2.41 28.30 -18.19
C ARG A 94 -1.40 29.43 -18.14
N THR A 95 -1.60 30.42 -19.04
CA THR A 95 -0.81 31.64 -19.21
C THR A 95 -0.63 32.41 -17.91
N ASP A 96 -1.71 32.59 -17.12
CA ASP A 96 -1.70 33.30 -15.83
C ASP A 96 -0.83 32.60 -14.76
N GLY A 97 -0.63 31.30 -14.94
CA GLY A 97 0.16 30.43 -14.09
C GLY A 97 1.64 30.60 -14.37
N ILE A 98 1.99 30.56 -15.67
CA ILE A 98 3.36 30.78 -16.15
C ILE A 98 3.74 32.25 -15.88
N ASP A 99 2.77 33.20 -15.98
CA ASP A 99 3.01 34.61 -15.70
C ASP A 99 3.55 34.86 -14.30
N ALA A 100 2.99 34.15 -13.28
CA ALA A 100 3.44 34.25 -11.88
C ALA A 100 4.84 33.64 -11.71
N ALA A 101 5.13 32.55 -12.46
CA ALA A 101 6.43 31.87 -12.45
C ALA A 101 7.52 32.69 -13.14
N VAL A 102 7.18 33.42 -14.22
CA VAL A 102 8.09 34.29 -14.98
C VAL A 102 8.42 35.52 -14.13
N LYS A 103 7.38 36.15 -13.54
CA LYS A 103 7.52 37.35 -12.70
C LYS A 103 8.34 37.08 -11.42
N PHE A 104 8.40 35.80 -10.94
CA PHE A 104 9.21 35.38 -9.80
C PHE A 104 10.67 35.31 -10.29
N CYS A 105 10.89 34.65 -11.45
CA CYS A 105 12.20 34.49 -12.09
C CYS A 105 12.87 35.81 -12.41
N GLU A 106 12.05 36.84 -12.66
CA GLU A 106 12.52 38.20 -12.92
C GLU A 106 12.94 38.87 -11.59
N GLU A 107 12.04 38.84 -10.58
CA GLU A 107 12.24 39.40 -9.25
C GLU A 107 13.40 38.75 -8.46
N TYR A 108 13.68 37.46 -8.72
CA TYR A 108 14.71 36.72 -8.01
C TYR A 108 15.98 36.43 -8.84
N GLY A 109 15.95 36.77 -10.12
CA GLY A 109 17.09 36.62 -11.03
C GLY A 109 17.41 35.19 -11.42
N ILE A 110 16.39 34.41 -11.81
CA ILE A 110 16.56 33.02 -12.26
C ILE A 110 16.30 32.97 -13.78
N GLU A 111 17.25 32.39 -14.55
CA GLU A 111 17.15 32.29 -16.01
C GLU A 111 16.03 31.34 -16.40
N TYR A 112 14.94 31.89 -16.95
CA TYR A 112 13.77 31.10 -17.34
C TYR A 112 13.75 30.77 -18.84
N LYS A 113 13.07 29.67 -19.19
CA LYS A 113 12.92 29.19 -20.56
C LYS A 113 11.51 28.63 -20.76
N ILE A 114 10.66 29.38 -21.48
CA ILE A 114 9.29 28.96 -21.78
C ILE A 114 9.30 28.14 -23.07
N VAL A 115 8.97 26.86 -22.94
CA VAL A 115 8.93 25.87 -24.02
C VAL A 115 7.49 25.41 -24.17
N HIS A 116 7.03 25.21 -25.42
CA HIS A 116 5.68 24.78 -25.76
C HIS A 116 5.58 23.29 -26.15
N PHE A 117 4.37 22.71 -25.99
CA PHE A 117 4.06 21.32 -26.34
C PHE A 117 4.02 21.24 -27.88
N LYS A 118 3.46 22.29 -28.52
CA LYS A 118 3.33 22.43 -29.97
C LYS A 118 4.68 22.58 -30.66
N ASP A 119 5.66 23.22 -29.97
CA ASP A 119 7.02 23.44 -30.46
C ASP A 119 7.82 22.12 -30.57
N TYR A 120 7.42 21.10 -29.78
CA TYR A 120 8.06 19.78 -29.77
C TYR A 120 7.22 18.73 -30.49
N LEU A 121 6.80 19.07 -31.74
CA LEU A 121 5.97 18.28 -32.68
C LEU A 121 4.55 17.99 -32.17
N GLY A 122 3.57 18.23 -33.04
CA GLY A 122 2.15 18.08 -32.78
C GLY A 122 1.47 19.43 -32.61
N THR A 123 0.45 19.50 -31.72
CA THR A 123 -0.30 20.74 -31.46
C THR A 123 -0.73 20.89 -29.98
N ASN A 124 -1.56 19.95 -29.50
CA ASN A 124 -2.19 19.86 -28.18
C ASN A 124 -2.97 21.13 -27.77
N LEU A 125 -3.57 21.82 -28.76
CA LEU A 125 -4.46 22.95 -28.49
C LEU A 125 -5.80 22.23 -28.26
N ASP A 126 -5.87 21.51 -27.11
CA ASP A 126 -6.92 20.59 -26.67
C ASP A 126 -6.94 19.43 -27.70
N GLU A 127 -5.85 18.61 -27.70
CA GLU A 127 -5.65 17.51 -28.67
C GLU A 127 -6.57 16.30 -28.46
N ILE A 128 -7.00 16.03 -27.22
CA ILE A 128 -7.90 14.90 -26.93
C ILE A 128 -9.30 15.20 -27.53
N VAL A 129 -9.44 14.87 -28.84
CA VAL A 129 -10.63 15.09 -29.65
C VAL A 129 -11.44 13.80 -29.85
N LYS A 130 -12.77 13.95 -30.04
CA LYS A 130 -13.69 12.84 -30.28
C LYS A 130 -13.65 12.48 -31.75
N LEU A 137 -3.16 11.15 -11.12
CA LEU A 137 -2.87 10.79 -12.51
C LEU A 137 -3.03 9.29 -12.74
N THR A 138 -3.83 8.89 -13.77
CA THR A 138 -4.10 7.49 -14.09
C THR A 138 -3.93 7.21 -15.62
N MET A 139 -4.95 7.51 -16.45
CA MET A 139 -4.89 7.22 -17.90
C MET A 139 -5.60 8.25 -18.84
N ASN A 140 -5.33 8.11 -20.16
CA ASN A 140 -5.81 8.79 -21.37
C ASN A 140 -5.54 10.34 -21.43
N PRO A 141 -6.40 11.35 -21.06
CA PRO A 141 -5.99 12.74 -21.30
C PRO A 141 -4.94 13.29 -20.32
N CYS A 142 -5.20 13.14 -19.01
CA CYS A 142 -4.31 13.63 -17.95
C CYS A 142 -2.97 12.90 -17.92
N SER A 143 -2.99 11.58 -18.21
CA SER A 143 -1.78 10.73 -18.25
C SER A 143 -0.87 11.12 -19.42
N PHE A 144 -1.42 11.22 -20.65
CA PHE A 144 -0.69 11.57 -21.86
C PHE A 144 0.02 12.92 -21.72
N CYS A 145 -0.63 13.88 -21.06
CA CYS A 145 -0.07 15.20 -20.80
C CYS A 145 1.15 15.15 -19.87
N GLY A 146 1.04 14.41 -18.77
CA GLY A 146 2.11 14.24 -17.80
C GLY A 146 3.32 13.49 -18.34
N VAL A 147 3.07 12.47 -19.20
CA VAL A 147 4.10 11.64 -19.85
C VAL A 147 4.94 12.48 -20.81
N ILE A 148 4.27 13.26 -21.69
CA ILE A 148 4.93 14.15 -22.66
C ILE A 148 5.75 15.22 -21.92
N ARG A 149 5.13 15.94 -20.94
CA ARG A 149 5.77 16.98 -20.11
CA ARG A 149 5.77 16.98 -20.11
C ARG A 149 7.14 16.51 -19.59
N ARG A 150 7.20 15.24 -19.10
CA ARG A 150 8.39 14.58 -18.59
C ARG A 150 9.46 14.44 -19.69
N LYS A 151 9.05 13.98 -20.89
CA LYS A 151 9.94 13.81 -22.03
C LYS A 151 10.43 15.16 -22.57
N ILE A 152 9.58 16.21 -22.51
CA ILE A 152 9.91 17.58 -22.95
C ILE A 152 10.96 18.14 -21.97
N LEU A 153 10.68 18.02 -20.64
CA LEU A 153 11.56 18.47 -19.56
C LEU A 153 12.92 17.78 -19.59
N ASN A 154 12.95 16.50 -20.01
CA ASN A 154 14.17 15.72 -20.12
C ASN A 154 14.98 16.21 -21.31
N ARG A 155 14.30 16.53 -22.41
CA ARG A 155 14.96 17.00 -23.64
C ARG A 155 15.40 18.46 -23.55
N VAL A 156 14.77 19.28 -22.67
CA VAL A 156 15.21 20.67 -22.48
C VAL A 156 16.42 20.71 -21.55
N SER A 157 16.47 19.78 -20.57
CA SER A 157 17.57 19.63 -19.59
C SER A 157 18.83 19.10 -20.28
N ILE A 158 18.66 18.17 -21.26
CA ILE A 158 19.76 17.61 -22.05
C ILE A 158 20.30 18.73 -22.95
N GLU A 159 19.39 19.52 -23.58
CA GLU A 159 19.66 20.67 -24.45
C GLU A 159 20.49 21.75 -23.73
N GLU A 160 20.16 22.02 -22.45
CA GLU A 160 20.86 22.99 -21.60
C GLU A 160 22.04 22.38 -20.84
N LYS A 161 22.24 21.04 -20.99
CA LYS A 161 23.29 20.23 -20.38
C LYS A 161 23.29 20.36 -18.84
N CYS A 162 22.13 20.07 -18.24
CA CYS A 162 21.88 20.12 -16.81
C CYS A 162 22.21 18.81 -16.13
N ASP A 163 22.66 18.88 -14.89
CA ASP A 163 23.02 17.70 -14.11
C ASP A 163 21.79 17.07 -13.44
N PHE A 164 20.83 17.90 -13.03
CA PHE A 164 19.61 17.45 -12.37
C PHE A 164 18.38 18.21 -12.86
N LEU A 165 17.20 17.55 -12.77
CA LEU A 165 15.92 18.14 -13.10
C LEU A 165 15.09 18.16 -11.81
N ALA A 166 14.92 19.34 -11.21
CA ALA A 166 14.18 19.51 -9.96
C ALA A 166 12.68 19.62 -10.22
N ILE A 167 11.88 18.77 -9.53
CA ILE A 167 10.41 18.71 -9.63
C ILE A 167 9.82 19.02 -8.25
N GLY A 168 8.81 19.90 -8.23
CA GLY A 168 8.15 20.35 -7.01
C GLY A 168 7.12 19.43 -6.40
N HIS A 169 7.47 18.14 -6.23
CA HIS A 169 6.55 17.17 -5.61
C HIS A 169 6.73 17.25 -4.11
N ASN A 170 5.62 17.41 -3.36
CA ASN A 170 5.68 17.50 -1.90
C ASN A 170 5.34 16.15 -1.26
N LEU A 171 5.44 16.03 0.09
CA LEU A 171 5.16 14.78 0.80
C LEU A 171 3.78 14.23 0.50
N ASP A 172 2.74 15.11 0.48
CA ASP A 172 1.35 14.76 0.17
C ASP A 172 1.28 14.18 -1.24
N ASP A 173 1.86 14.89 -2.26
CA ASP A 173 1.93 14.47 -3.68
C ASP A 173 2.50 13.05 -3.85
N VAL A 174 3.59 12.75 -3.10
CA VAL A 174 4.33 11.49 -3.13
C VAL A 174 3.58 10.36 -2.39
N ALA A 175 2.98 10.63 -1.22
CA ALA A 175 2.21 9.64 -0.44
C ALA A 175 0.98 9.15 -1.22
N GLN A 176 0.33 10.06 -1.96
CA GLN A 176 -0.85 9.81 -2.78
C GLN A 176 -0.55 8.88 -3.93
N ALA A 177 0.51 9.19 -4.71
CA ALA A 177 0.94 8.40 -5.87
C ALA A 177 1.32 6.97 -5.48
N VAL A 178 1.98 6.81 -4.31
CA VAL A 178 2.39 5.52 -3.76
C VAL A 178 1.14 4.72 -3.45
N MET A 179 0.19 5.33 -2.72
CA MET A 179 -1.10 4.74 -2.34
C MET A 179 -1.92 4.37 -3.57
N MET A 180 -1.90 5.21 -4.63
CA MET A 180 -2.61 4.95 -5.88
C MET A 180 -2.05 3.69 -6.54
N ASN A 181 -0.70 3.58 -6.60
CA ASN A 181 0.04 2.43 -7.15
C ASN A 181 -0.25 1.16 -6.33
N TYR A 182 -0.54 1.33 -5.03
CA TYR A 182 -0.86 0.24 -4.11
C TYR A 182 -2.30 -0.25 -4.37
N ILE A 183 -3.29 0.68 -4.39
CA ILE A 183 -4.73 0.40 -4.61
C ILE A 183 -4.96 -0.20 -6.01
N GLU A 184 -4.23 0.31 -7.04
CA GLU A 184 -4.33 -0.20 -8.42
C GLU A 184 -3.61 -1.54 -8.56
N GLY A 185 -2.62 -1.78 -7.70
CA GLY A 185 -1.84 -3.01 -7.71
C GLY A 185 -0.84 -3.07 -8.84
N ASP A 186 -0.36 -1.90 -9.28
CA ASP A 186 0.61 -1.77 -10.37
C ASP A 186 2.04 -2.10 -9.95
N VAL A 187 2.59 -3.16 -10.56
CA VAL A 187 3.97 -3.62 -10.34
C VAL A 187 4.78 -3.28 -11.59
N LYS A 188 4.10 -3.12 -12.74
CA LYS A 188 4.69 -2.72 -14.02
C LYS A 188 5.06 -1.23 -13.97
N LYS A 189 4.23 -0.41 -13.29
CA LYS A 189 4.46 1.02 -13.08
C LYS A 189 5.54 1.22 -12.00
N LEU A 190 5.67 0.23 -11.08
CA LEU A 190 6.65 0.17 -10.00
C LEU A 190 8.02 -0.23 -10.56
N ALA A 191 8.02 -1.02 -11.67
CA ALA A 191 9.22 -1.51 -12.36
C ALA A 191 9.96 -0.37 -13.08
N PHE A 192 9.20 0.65 -13.59
CA PHE A 192 9.73 1.86 -14.24
C PHE A 192 10.61 2.63 -13.25
N LEU A 193 10.16 2.71 -11.96
CA LEU A 193 10.88 3.32 -10.85
C LEU A 193 12.03 2.36 -10.53
N GLY A 194 13.26 2.85 -10.65
CA GLY A 194 14.45 2.03 -10.48
C GLY A 194 14.89 1.51 -11.84
N LYS A 195 15.80 0.50 -11.86
CA LYS A 195 16.39 -0.12 -13.07
C LYS A 195 17.29 0.86 -13.85
N SER A 196 16.70 1.98 -14.32
CA SER A 196 17.35 3.08 -15.05
C SER A 196 18.09 4.03 -14.07
N LEU A 197 18.53 3.49 -12.91
CA LEU A 197 19.26 4.18 -11.84
C LEU A 197 20.63 4.68 -12.32
N LYS A 198 21.26 3.96 -13.27
CA LYS A 198 22.53 4.35 -13.89
C LYS A 198 22.19 4.89 -15.30
N HIS A 199 21.64 6.12 -15.31
CA HIS A 199 21.15 6.87 -16.47
C HIS A 199 22.28 7.41 -17.40
N PRO A 200 22.21 7.10 -18.73
CA PRO A 200 23.25 7.60 -19.66
C PRO A 200 22.98 9.01 -20.18
N LYS A 201 21.85 9.18 -20.93
CA LYS A 201 21.40 10.45 -21.49
C LYS A 201 20.37 11.11 -20.58
N PHE A 202 19.54 10.30 -19.85
CA PHE A 202 18.48 10.73 -18.94
C PHE A 202 19.01 11.56 -17.76
N VAL A 203 18.50 12.79 -17.62
CA VAL A 203 18.88 13.72 -16.54
C VAL A 203 18.12 13.26 -15.29
N LYS A 204 18.81 13.22 -14.13
CA LYS A 204 18.26 12.75 -12.87
C LYS A 204 17.17 13.65 -12.31
N ARG A 205 15.98 13.08 -12.06
CA ARG A 205 14.83 13.78 -11.50
C ARG A 205 14.96 13.87 -9.98
N ILE A 206 15.17 15.09 -9.47
CA ILE A 206 15.29 15.37 -8.03
C ILE A 206 14.03 16.07 -7.53
N LYS A 207 13.58 15.78 -6.30
CA LYS A 207 12.39 16.40 -5.70
C LYS A 207 12.80 17.02 -4.37
N PRO A 208 13.17 18.32 -4.34
CA PRO A 208 13.60 18.91 -3.06
C PRO A 208 12.50 18.93 -2.01
N LEU A 209 11.24 19.11 -2.42
CA LEU A 209 10.09 19.19 -1.52
C LEU A 209 9.50 17.82 -1.09
N GLU A 210 10.10 16.70 -1.55
CA GLU A 210 9.68 15.31 -1.36
C GLU A 210 9.25 14.91 0.08
N LYS A 211 9.81 15.58 1.10
CA LYS A 211 9.54 15.25 2.49
C LYS A 211 8.87 16.38 3.28
N ILE A 212 8.41 17.43 2.57
CA ILE A 212 7.74 18.57 3.20
C ILE A 212 6.23 18.45 2.88
N PRO A 213 5.33 18.33 3.90
CA PRO A 213 3.90 18.22 3.61
C PRO A 213 3.35 19.45 2.93
N GLU A 214 2.24 19.31 2.19
CA GLU A 214 1.60 20.40 1.44
C GLU A 214 1.35 21.64 2.31
N ASP A 215 0.90 21.42 3.57
CA ASP A 215 0.58 22.45 4.55
C ASP A 215 1.81 23.26 4.93
N GLU A 216 2.97 22.60 5.05
CA GLU A 216 4.25 23.24 5.34
C GLU A 216 4.72 24.05 4.14
N VAL A 217 4.59 23.48 2.92
CA VAL A 217 4.93 24.12 1.65
C VAL A 217 4.10 25.39 1.50
N LEU A 218 2.79 25.30 1.78
CA LEU A 218 1.83 26.41 1.73
C LEU A 218 2.16 27.48 2.78
N LEU A 219 2.48 27.06 4.02
CA LEU A 219 2.84 27.95 5.13
C LEU A 219 4.13 28.71 4.80
N LEU A 220 5.10 28.01 4.18
CA LEU A 220 6.39 28.60 3.77
C LEU A 220 6.17 29.62 2.65
N ALA A 221 5.17 29.38 1.77
CA ALA A 221 4.81 30.27 0.66
C ALA A 221 4.22 31.57 1.20
N GLU A 222 3.39 31.46 2.27
CA GLU A 222 2.73 32.59 2.94
C GLU A 222 3.73 33.47 3.68
N MET A 223 4.69 32.85 4.39
CA MET A 223 5.72 33.56 5.17
C MET A 223 6.71 34.30 4.30
N LEU A 224 7.01 33.76 3.10
CA LEU A 224 7.96 34.37 2.16
C LEU A 224 7.29 35.39 1.24
N GLU A 225 5.94 35.48 1.32
CA GLU A 225 5.08 36.37 0.54
C GLU A 225 5.22 36.14 -0.99
N LEU A 226 5.32 34.85 -1.38
CA LEU A 226 5.45 34.45 -2.78
C LEU A 226 4.13 34.65 -3.51
N LYS A 227 4.18 35.32 -4.67
CA LYS A 227 3.02 35.59 -5.51
C LYS A 227 2.76 34.41 -6.48
N TYR A 228 2.28 33.28 -5.92
CA TYR A 228 2.00 32.06 -6.69
C TYR A 228 0.60 32.06 -7.30
N HIS A 229 0.44 31.37 -8.44
CA HIS A 229 -0.83 31.25 -9.14
C HIS A 229 -1.48 29.89 -8.90
N LYS A 230 -2.82 29.88 -8.80
CA LYS A 230 -3.67 28.70 -8.57
C LYS A 230 -3.47 27.60 -9.63
N SER A 231 -3.36 28.00 -10.91
CA SER A 231 -3.16 27.17 -12.12
C SER A 231 -4.12 25.93 -12.20
N PRO A 232 -5.44 26.14 -12.43
CA PRO A 232 -6.36 25.00 -12.54
C PRO A 232 -6.48 24.45 -13.97
N CYS A 233 -6.74 23.14 -14.10
CA CYS A 233 -6.84 22.50 -15.41
C CYS A 233 -8.27 22.46 -15.98
N PRO A 234 -8.52 23.09 -17.16
CA PRO A 234 -9.88 23.06 -17.73
C PRO A 234 -10.21 21.82 -18.55
N TYR A 235 -9.23 20.91 -18.76
CA TYR A 235 -9.44 19.69 -19.55
C TYR A 235 -9.08 18.38 -18.81
N SER A 236 -8.78 18.45 -17.49
CA SER A 236 -8.47 17.26 -16.68
C SER A 236 -8.78 17.39 -15.19
N CYS A 237 -9.57 16.41 -14.69
CA CYS A 237 -10.03 16.25 -13.32
C CYS A 237 -10.25 14.76 -13.01
N LEU A 238 -9.23 14.10 -12.44
CA LEU A 238 -9.26 12.70 -12.03
C LEU A 238 -9.65 12.66 -10.58
N SER A 239 -10.84 12.11 -10.29
CA SER A 239 -11.44 12.06 -8.96
C SER A 239 -10.79 11.04 -8.01
N PHE A 240 -10.01 10.07 -8.55
CA PHE A 240 -9.34 9.04 -7.75
C PHE A 240 -8.25 9.63 -6.83
N ARG A 241 -7.43 10.56 -7.37
CA ARG A 241 -6.37 11.23 -6.61
C ARG A 241 -6.97 12.08 -5.48
N SER A 242 -8.12 12.76 -5.74
CA SER A 242 -8.83 13.55 -4.74
C SER A 242 -9.46 12.64 -3.66
N GLU A 243 -9.75 11.36 -4.02
CA GLU A 243 -10.29 10.36 -3.09
C GLU A 243 -9.16 9.80 -2.24
N VAL A 244 -8.01 9.47 -2.89
CA VAL A 244 -6.78 8.96 -2.27
C VAL A 244 -6.18 9.99 -1.31
N SER A 245 -6.20 11.29 -1.70
CA SER A 245 -5.69 12.38 -0.87
C SER A 245 -6.46 12.46 0.45
N ASP A 246 -7.79 12.23 0.38
CA ASP A 246 -8.67 12.22 1.54
C ASP A 246 -8.34 11.03 2.45
N ILE A 247 -7.94 9.90 1.85
CA ILE A 247 -7.54 8.69 2.59
C ILE A 247 -6.25 8.99 3.38
N THR A 248 -5.22 9.52 2.68
CA THR A 248 -3.90 9.88 3.23
C THR A 248 -4.02 10.99 4.29
N ASP A 249 -4.96 11.93 4.08
CA ASP A 249 -5.21 13.03 5.01
C ASP A 249 -5.87 12.50 6.28
N ASN A 250 -6.95 11.69 6.15
CA ASN A 250 -7.65 11.12 7.31
C ASN A 250 -6.80 10.11 8.07
N LEU A 251 -5.80 9.51 7.40
CA LEU A 251 -4.85 8.60 8.04
C LEU A 251 -3.87 9.40 8.88
N GLU A 252 -3.42 10.55 8.35
CA GLU A 252 -2.49 11.49 9.02
C GLU A 252 -3.20 12.15 10.22
N LYS A 253 -4.47 12.54 10.02
CA LYS A 253 -5.35 13.17 11.01
C LYS A 253 -5.63 12.25 12.21
N ASN A 254 -5.47 10.92 12.06
CA ASN A 254 -5.70 9.93 13.13
C ASN A 254 -4.41 9.28 13.63
N HIS A 255 -3.42 9.17 12.74
CA HIS A 255 -2.12 8.57 13.01
C HIS A 255 -1.04 9.51 12.43
N PRO A 256 -0.48 10.42 13.26
CA PRO A 256 0.53 11.36 12.75
C PRO A 256 1.81 10.69 12.26
N GLY A 257 2.17 11.00 11.02
CA GLY A 257 3.35 10.50 10.33
C GLY A 257 3.07 9.36 9.37
N SER A 258 1.77 9.18 9.00
CA SER A 258 1.30 8.13 8.10
C SER A 258 1.87 8.31 6.71
N LYS A 259 1.78 9.54 6.14
CA LYS A 259 2.30 9.91 4.83
C LYS A 259 3.79 9.59 4.72
N TYR A 260 4.58 9.86 5.78
CA TYR A 260 6.00 9.53 5.75
C TYR A 260 6.25 8.02 5.77
N SER A 261 5.54 7.26 6.64
CA SER A 261 5.71 5.80 6.73
C SER A 261 5.22 5.07 5.50
N ILE A 262 4.25 5.66 4.77
CA ILE A 262 3.73 5.12 3.51
C ILE A 262 4.85 5.25 2.45
N VAL A 263 5.50 6.44 2.38
CA VAL A 263 6.59 6.76 1.46
C VAL A 263 7.86 5.99 1.80
N ARG A 264 8.31 6.03 3.07
CA ARG A 264 9.52 5.31 3.52
C ARG A 264 9.38 3.81 3.26
N GLY A 265 8.14 3.32 3.31
CA GLY A 265 7.77 1.93 3.05
C GLY A 265 7.95 1.56 1.60
N TYR A 266 7.75 2.53 0.70
CA TYR A 266 7.91 2.34 -0.75
C TYR A 266 9.38 2.45 -1.13
N GLU A 267 10.14 3.31 -0.42
CA GLU A 267 11.57 3.53 -0.64
C GLU A 267 12.35 2.25 -0.34
N ARG A 268 12.04 1.62 0.83
CA ARG A 268 12.58 0.34 1.30
C ARG A 268 12.18 -0.84 0.37
N LEU A 269 10.98 -0.77 -0.24
CA LEU A 269 10.40 -1.75 -1.16
C LEU A 269 11.16 -1.71 -2.48
N LEU A 270 11.38 -0.51 -3.04
CA LEU A 270 12.05 -0.27 -4.31
C LEU A 270 13.54 -0.66 -4.33
N GLU A 271 14.18 -0.76 -3.15
CA GLU A 271 15.60 -1.14 -3.05
C GLU A 271 15.80 -2.67 -2.93
N HIS A 272 14.72 -3.41 -2.58
CA HIS A 272 14.73 -4.88 -2.48
C HIS A 272 13.74 -5.53 -3.48
N ILE A 273 13.59 -4.93 -4.67
CA ILE A 273 12.70 -5.43 -5.72
C ILE A 273 13.48 -5.86 -6.98
N GLU A 274 12.90 -6.80 -7.76
CA GLU A 274 13.42 -7.39 -9.01
C GLU A 274 13.91 -6.34 -10.02
N LEU A 275 15.19 -6.46 -10.43
CA LEU A 275 15.83 -5.56 -11.38
C LEU A 275 16.34 -6.34 -12.59
N GLU A 281 10.35 -2.08 -30.49
CA GLU A 281 11.47 -1.29 -30.00
C GLU A 281 11.29 0.19 -30.34
N CYS A 282 11.65 1.09 -29.40
CA CYS A 282 11.54 2.55 -29.53
C CYS A 282 12.49 3.14 -30.58
N LYS A 283 11.94 3.41 -31.78
CA LYS A 283 12.64 3.94 -32.94
C LYS A 283 12.53 5.46 -33.06
N ILE A 284 13.51 6.09 -33.77
CA ILE A 284 13.68 7.52 -34.07
C ILE A 284 14.20 8.31 -32.83
N CYS A 285 13.39 8.43 -31.75
CA CYS A 285 13.77 9.20 -30.56
C CYS A 285 14.82 8.48 -29.68
N GLY A 286 14.40 7.64 -28.73
CA GLY A 286 15.33 6.91 -27.86
C GLY A 286 14.72 6.21 -26.67
N ASP A 287 14.94 6.77 -25.47
CA ASP A 287 14.48 6.31 -24.14
C ASP A 287 14.80 4.83 -23.85
N LEU A 288 13.91 3.90 -24.29
CA LEU A 288 13.98 2.43 -24.12
C LEU A 288 14.32 1.99 -22.67
N SER A 289 15.52 1.42 -22.43
CA SER A 289 16.03 0.90 -21.14
C SER A 289 15.11 -0.19 -20.56
N ALA A 290 15.30 -1.45 -21.06
CA ALA A 290 14.57 -2.68 -20.70
C ALA A 290 13.04 -2.59 -20.94
N THR A 291 12.62 -1.88 -22.01
CA THR A 291 11.19 -1.72 -22.37
C THR A 291 10.97 -1.97 -23.87
N GLU A 292 9.85 -2.64 -24.21
CA GLU A 292 9.44 -2.97 -25.58
C GLU A 292 8.59 -1.87 -26.23
N VAL A 293 8.52 -1.89 -27.59
CA VAL A 293 7.76 -0.98 -28.47
C VAL A 293 8.10 0.52 -28.18
N CYS A 294 7.09 1.43 -28.17
CA CYS A 294 7.21 2.88 -27.96
C CYS A 294 7.70 3.30 -26.55
N LYS A 295 8.14 2.32 -25.71
CA LYS A 295 8.63 2.49 -24.33
C LYS A 295 7.51 2.98 -23.40
N VAL A 296 7.20 4.28 -23.44
CA VAL A 296 6.15 4.91 -22.63
C VAL A 296 5.30 5.88 -23.48
N CYS A 297 5.74 6.15 -24.75
CA CYS A 297 5.06 7.02 -25.72
C CYS A 297 3.70 6.43 -26.03
N SER A 298 2.65 7.03 -25.44
CA SER A 298 1.25 6.61 -25.54
C SER A 298 0.81 6.11 -26.91
N TYR A 299 1.14 6.84 -27.99
CA TYR A 299 0.73 6.40 -29.32
C TYR A 299 1.77 6.72 -30.42
N LEU A 300 2.00 8.02 -30.76
CA LEU A 300 2.87 8.52 -31.85
C LEU A 300 2.50 7.92 -33.22
N LYS A 301 1.36 7.20 -33.29
CA LYS A 301 0.87 6.49 -34.47
C LYS A 301 -0.57 6.89 -34.84
N ASN A 302 -0.83 6.97 -36.17
CA ASN A 302 -2.11 7.27 -36.83
C ASN A 302 -2.69 8.67 -36.50
N LEU A 303 -3.16 8.89 -35.25
CA LEU A 303 -3.80 10.13 -34.79
C LEU A 303 -2.92 11.39 -34.88
N GLY A 304 -1.60 11.22 -34.74
CA GLY A 304 -0.65 12.32 -34.77
C GLY A 304 0.53 12.12 -35.70
N ILE A 305 1.09 10.89 -35.72
CA ILE A 305 2.27 10.44 -36.50
C ILE A 305 3.40 11.49 -36.48
N LEU A 306 3.70 12.16 -37.62
CA LEU A 306 4.74 13.20 -37.81
C LEU A 306 6.14 12.71 -37.36
N GLU A 307 6.86 12.02 -38.26
CA GLU A 307 8.19 11.46 -37.97
C GLU A 307 9.17 11.57 -39.15
N LYS A 308 10.48 11.58 -38.85
CA LYS A 308 11.56 11.63 -39.86
C LYS A 308 12.13 10.23 -40.09
N MET B 1 -36.27 -5.46 -20.18
CA MET B 1 -34.99 -6.14 -20.38
C MET B 1 -34.17 -6.13 -19.10
N ILE B 2 -34.05 -4.95 -18.44
CA ILE B 2 -33.30 -4.77 -17.19
C ILE B 2 -34.18 -5.24 -16.01
N THR B 3 -34.00 -6.52 -15.61
CA THR B 3 -34.71 -7.22 -14.55
C THR B 3 -33.75 -7.53 -13.39
N MET B 4 -33.74 -8.76 -12.84
CA MET B 4 -32.86 -9.20 -11.75
C MET B 4 -32.73 -10.74 -11.69
N LYS B 5 -33.16 -11.42 -12.77
CA LYS B 5 -33.08 -12.87 -12.87
C LYS B 5 -31.64 -13.39 -12.73
N CYS B 6 -31.48 -14.59 -12.16
CA CYS B 6 -30.21 -15.26 -11.91
C CYS B 6 -29.39 -15.43 -13.19
N ARG B 7 -28.08 -15.14 -13.13
CA ARG B 7 -27.16 -15.24 -14.27
C ARG B 7 -27.01 -16.68 -14.80
N LYS B 8 -27.13 -17.69 -13.92
CA LYS B 8 -26.95 -19.11 -14.27
C LYS B 8 -28.25 -19.88 -14.59
N CYS B 9 -29.42 -19.48 -14.04
CA CYS B 9 -30.68 -20.21 -14.28
C CYS B 9 -31.90 -19.32 -14.57
N GLY B 10 -31.72 -17.99 -14.58
CA GLY B 10 -32.76 -17.00 -14.83
C GLY B 10 -33.90 -16.92 -13.83
N LYS B 11 -33.68 -17.42 -12.60
CA LYS B 11 -34.70 -17.44 -11.55
C LYS B 11 -34.56 -16.24 -10.60
N PRO B 12 -35.62 -15.81 -9.86
CA PRO B 12 -35.46 -14.66 -8.94
C PRO B 12 -34.22 -14.81 -8.05
N SER B 13 -33.47 -13.71 -7.91
CA SER B 13 -32.19 -13.65 -7.22
C SER B 13 -32.26 -13.23 -5.74
N ILE B 14 -31.26 -13.66 -4.95
CA ILE B 14 -31.11 -13.37 -3.53
C ILE B 14 -29.85 -12.54 -3.27
N TYR B 15 -28.95 -12.47 -4.25
CA TYR B 15 -27.71 -11.73 -4.09
C TYR B 15 -27.26 -11.08 -5.38
N HIS B 16 -26.93 -9.79 -5.31
CA HIS B 16 -26.39 -9.03 -6.43
C HIS B 16 -24.91 -8.78 -6.13
N GLN B 17 -24.03 -9.51 -6.85
CA GLN B 17 -22.57 -9.41 -6.72
C GLN B 17 -22.12 -8.10 -7.33
N LYS B 18 -22.16 -7.02 -6.53
CA LYS B 18 -21.82 -5.64 -6.91
C LYS B 18 -20.50 -5.49 -7.70
N HIS B 19 -19.52 -6.37 -7.45
CA HIS B 19 -18.23 -6.39 -8.14
C HIS B 19 -18.43 -6.74 -9.63
N SER B 20 -19.03 -7.92 -9.90
CA SER B 20 -19.23 -8.47 -11.24
C SER B 20 -20.48 -7.95 -11.99
N GLY B 21 -21.47 -7.49 -11.23
CA GLY B 21 -22.76 -7.03 -11.74
C GLY B 21 -23.69 -8.19 -12.04
N ASN B 22 -23.42 -9.37 -11.42
CA ASN B 22 -24.16 -10.64 -11.59
C ASN B 22 -25.09 -10.97 -10.44
N ASN B 23 -26.31 -11.46 -10.78
CA ASN B 23 -27.34 -11.83 -9.82
C ASN B 23 -27.38 -13.35 -9.64
N TYR B 24 -27.46 -13.82 -8.37
CA TYR B 24 -27.49 -15.25 -8.04
C TYR B 24 -28.52 -15.57 -6.98
N CYS B 25 -29.30 -16.64 -7.20
CA CYS B 25 -30.27 -17.15 -6.25
C CYS B 25 -29.50 -17.95 -5.21
N LYS B 26 -30.20 -18.54 -4.23
CA LYS B 26 -29.56 -19.34 -3.17
C LYS B 26 -28.65 -20.45 -3.73
N GLU B 27 -29.23 -21.34 -4.56
CA GLU B 27 -28.58 -22.50 -5.16
C GLU B 27 -27.40 -22.17 -6.06
N CYS B 28 -27.52 -21.12 -6.88
CA CYS B 28 -26.46 -20.68 -7.79
C CYS B 28 -25.33 -19.93 -7.09
N PHE B 29 -25.63 -19.27 -5.95
CA PHE B 29 -24.65 -18.53 -5.14
C PHE B 29 -23.73 -19.52 -4.41
N ILE B 30 -24.32 -20.58 -3.83
CA ILE B 30 -23.62 -21.65 -3.11
C ILE B 30 -22.68 -22.39 -4.09
N LYS B 31 -23.16 -22.64 -5.30
CA LYS B 31 -22.45 -23.33 -6.39
C LYS B 31 -21.27 -22.51 -6.91
N GLU B 32 -21.41 -21.18 -6.99
CA GLU B 32 -20.33 -20.29 -7.47
C GLU B 32 -19.33 -19.95 -6.38
N THR B 33 -19.74 -20.05 -5.10
CA THR B 33 -18.84 -19.84 -3.98
C THR B 33 -17.97 -21.10 -3.85
N LYS B 34 -18.58 -22.30 -3.96
CA LYS B 34 -17.90 -23.59 -3.94
C LYS B 34 -16.89 -23.69 -5.10
N ARG B 35 -17.26 -23.16 -6.29
CA ARG B 35 -16.42 -23.14 -7.50
C ARG B 35 -15.19 -22.25 -7.30
N LYS B 36 -15.36 -21.06 -6.68
CA LYS B 36 -14.29 -20.09 -6.41
C LYS B 36 -13.31 -20.62 -5.36
N VAL B 37 -13.81 -21.35 -4.33
CA VAL B 37 -13.02 -21.96 -3.26
C VAL B 37 -12.23 -23.15 -3.83
N ARG B 38 -12.86 -23.94 -4.73
CA ARG B 38 -12.24 -25.07 -5.44
C ARG B 38 -11.09 -24.55 -6.33
N LYS B 39 -11.26 -23.33 -6.89
CA LYS B 39 -10.27 -22.64 -7.72
C LYS B 39 -9.13 -22.12 -6.85
N THR B 40 -9.43 -21.56 -5.65
CA THR B 40 -8.44 -21.00 -4.71
C THR B 40 -7.49 -22.08 -4.18
N LEU B 41 -8.04 -23.26 -3.80
CA LEU B 41 -7.28 -24.38 -3.26
C LEU B 41 -6.42 -25.09 -4.31
N GLY B 42 -7.04 -25.48 -5.42
CA GLY B 42 -6.36 -26.19 -6.49
C GLY B 42 -6.35 -27.69 -6.30
N ARG B 43 -5.83 -28.42 -7.32
CA ARG B 43 -5.78 -29.89 -7.33
C ARG B 43 -4.73 -30.49 -6.38
N ASP B 44 -3.77 -29.67 -5.92
CA ASP B 44 -2.75 -30.09 -4.95
C ASP B 44 -3.35 -30.21 -3.55
N VAL B 45 -4.34 -29.38 -3.23
CA VAL B 45 -5.03 -29.36 -1.94
C VAL B 45 -6.26 -30.27 -1.98
N LEU B 46 -7.06 -30.18 -3.06
CA LEU B 46 -8.26 -31.00 -3.20
C LEU B 46 -7.92 -32.26 -3.97
N LYS B 47 -7.40 -33.27 -3.27
CA LYS B 47 -7.05 -34.58 -3.82
C LYS B 47 -7.07 -35.66 -2.74
N ASN B 48 -6.85 -36.92 -3.12
CA ASN B 48 -6.80 -38.05 -2.19
C ASN B 48 -5.43 -38.11 -1.51
N ASN B 49 -5.36 -38.85 -0.38
CA ASN B 49 -4.16 -39.08 0.44
C ASN B 49 -3.61 -37.79 1.06
N ILE B 50 -4.54 -36.83 1.35
CA ILE B 50 -4.26 -35.50 1.92
C ILE B 50 -4.96 -35.32 3.27
N LYS B 51 -4.21 -34.83 4.28
CA LYS B 51 -4.72 -34.54 5.63
C LYS B 51 -4.70 -33.01 5.83
N VAL B 52 -5.86 -32.42 6.19
CA VAL B 52 -6.01 -30.98 6.38
C VAL B 52 -6.41 -30.59 7.79
N ALA B 53 -5.51 -29.91 8.50
CA ALA B 53 -5.77 -29.37 9.83
C ALA B 53 -6.45 -28.01 9.61
N MET B 54 -7.40 -27.64 10.47
CA MET B 54 -8.05 -26.34 10.28
C MET B 54 -8.28 -25.61 11.59
N GLY B 55 -7.78 -24.39 11.65
CA GLY B 55 -7.92 -23.51 12.79
C GLY B 55 -9.32 -22.94 12.86
N LEU B 56 -10.11 -23.47 13.80
CA LEU B 56 -11.51 -23.09 14.06
C LEU B 56 -11.60 -22.21 15.30
N SER B 57 -12.39 -21.13 15.21
CA SER B 57 -12.55 -20.18 16.32
C SER B 57 -14.02 -19.84 16.62
N GLY B 58 -14.95 -20.53 15.96
CA GLY B 58 -16.38 -20.36 16.20
C GLY B 58 -17.14 -19.33 15.39
N GLY B 59 -16.44 -18.36 14.81
CA GLY B 59 -17.07 -17.31 14.01
C GLY B 59 -17.58 -17.84 12.68
N LYS B 60 -18.24 -16.97 11.89
CA LYS B 60 -18.81 -17.33 10.59
C LYS B 60 -17.76 -17.90 9.64
N ASP B 61 -16.60 -17.21 9.50
CA ASP B 61 -15.48 -17.59 8.63
C ASP B 61 -15.01 -19.03 8.83
N SER B 62 -14.58 -19.41 10.06
CA SER B 62 -14.11 -20.77 10.41
C SER B 62 -15.14 -21.83 10.11
N LEU B 63 -16.40 -21.58 10.47
CA LEU B 63 -17.52 -22.51 10.28
C LEU B 63 -17.88 -22.67 8.79
N VAL B 64 -17.88 -21.56 8.01
CA VAL B 64 -18.15 -21.52 6.57
C VAL B 64 -17.05 -22.28 5.84
N MET B 65 -15.77 -22.01 6.21
CA MET B 65 -14.60 -22.70 5.67
C MET B 65 -14.65 -24.18 6.07
N ALA B 66 -15.01 -24.48 7.33
CA ALA B 66 -15.11 -25.85 7.84
C ALA B 66 -16.18 -26.64 7.12
N TYR B 67 -17.32 -26.00 6.78
CA TYR B 67 -18.44 -26.64 6.07
C TYR B 67 -18.06 -26.96 4.63
N LEU B 68 -17.46 -25.98 3.92
CA LEU B 68 -17.06 -26.14 2.52
C LEU B 68 -16.04 -27.26 2.39
N LEU B 69 -14.92 -27.18 3.14
CA LEU B 69 -13.85 -28.20 3.16
C LEU B 69 -14.41 -29.57 3.46
N ASN B 70 -15.35 -29.68 4.42
CA ASN B 70 -15.97 -30.97 4.77
C ASN B 70 -16.78 -31.56 3.61
N GLU B 71 -17.53 -30.71 2.87
CA GLU B 71 -18.33 -31.11 1.71
C GLU B 71 -17.46 -31.77 0.65
N TYR B 72 -16.25 -31.20 0.39
CA TYR B 72 -15.29 -31.72 -0.58
C TYR B 72 -14.70 -33.07 -0.09
N TYR B 73 -14.00 -33.06 1.06
CA TYR B 73 -13.35 -34.24 1.66
C TYR B 73 -14.34 -35.35 2.10
N LYS B 74 -15.66 -35.08 2.08
CA LYS B 74 -16.69 -36.06 2.41
C LYS B 74 -16.76 -37.09 1.28
N GLN B 75 -16.57 -36.62 0.03
CA GLN B 75 -16.59 -37.42 -1.20
C GLN B 75 -15.18 -37.84 -1.69
N ILE B 76 -14.18 -37.74 -0.79
CA ILE B 76 -12.80 -38.19 -1.01
C ILE B 76 -12.50 -39.21 0.13
N PRO B 77 -12.22 -40.51 -0.15
CA PRO B 77 -12.08 -41.49 0.93
C PRO B 77 -10.86 -41.32 1.86
N ASN B 78 -9.62 -41.27 1.33
CA ASN B 78 -8.46 -41.11 2.21
C ASN B 78 -8.02 -39.67 2.27
N SER B 79 -8.92 -38.81 2.73
CA SER B 79 -8.64 -37.40 2.91
C SER B 79 -9.32 -36.90 4.16
N ASN B 80 -8.54 -36.93 5.26
CA ASN B 80 -8.99 -36.54 6.59
C ASN B 80 -9.01 -35.02 6.79
N LEU B 81 -9.83 -34.58 7.74
CA LEU B 81 -10.01 -33.18 8.11
C LEU B 81 -10.10 -33.11 9.65
N ILE B 82 -9.13 -32.42 10.26
CA ILE B 82 -9.06 -32.27 11.73
C ILE B 82 -9.26 -30.80 12.08
N ALA B 83 -10.05 -30.54 13.14
CA ALA B 83 -10.36 -29.20 13.64
C ALA B 83 -9.55 -28.88 14.88
N ILE B 84 -8.87 -27.71 14.93
CA ILE B 84 -8.10 -27.29 16.11
C ILE B 84 -8.63 -25.97 16.67
N MET B 85 -9.06 -25.97 17.94
CA MET B 85 -9.51 -24.77 18.63
C MET B 85 -8.45 -24.44 19.66
N VAL B 86 -8.01 -23.17 19.72
CA VAL B 86 -6.96 -22.78 20.65
C VAL B 86 -7.54 -21.87 21.73
N ASN B 87 -7.79 -22.44 22.93
CA ASN B 87 -8.33 -21.72 24.07
C ASN B 87 -7.26 -20.84 24.70
N GLU B 88 -7.37 -19.50 24.50
CA GLU B 88 -6.46 -18.49 25.04
C GLU B 88 -6.47 -18.48 26.57
N GLY B 89 -7.63 -18.81 27.15
CA GLY B 89 -7.82 -18.87 28.60
C GLY B 89 -8.01 -17.52 29.24
N ILE B 90 -9.07 -16.80 28.85
CA ILE B 90 -9.40 -15.49 29.38
C ILE B 90 -10.54 -15.62 30.41
N GLU B 91 -10.50 -14.83 31.51
CA GLU B 91 -11.52 -14.81 32.57
C GLU B 91 -12.87 -14.30 32.03
N GLY B 92 -12.82 -13.42 31.02
CA GLY B 92 -14.00 -12.85 30.37
C GLY B 92 -14.67 -13.80 29.40
N TYR B 93 -14.29 -13.69 28.11
CA TYR B 93 -14.84 -14.48 27.01
C TYR B 93 -13.99 -15.75 26.71
N ARG B 94 -13.82 -16.09 25.40
CA ARG B 94 -13.08 -17.25 24.85
C ARG B 94 -13.76 -18.59 25.10
N THR B 95 -14.33 -18.81 26.31
CA THR B 95 -15.07 -20.03 26.69
C THR B 95 -16.25 -20.20 25.72
N ASP B 96 -16.95 -19.09 25.44
CA ASP B 96 -18.02 -19.04 24.45
C ASP B 96 -17.34 -18.59 23.16
N GLY B 97 -17.65 -19.31 22.10
CA GLY B 97 -17.05 -19.19 20.78
C GLY B 97 -16.60 -20.57 20.36
N ILE B 98 -15.78 -21.22 21.21
CA ILE B 98 -15.29 -22.58 21.00
C ILE B 98 -16.47 -23.56 21.09
N ASP B 99 -17.46 -23.27 21.99
CA ASP B 99 -18.66 -24.08 22.17
C ASP B 99 -19.46 -24.25 20.87
N ALA B 100 -19.60 -23.15 20.09
CA ALA B 100 -20.30 -23.16 18.79
C ALA B 100 -19.51 -23.95 17.75
N ALA B 101 -18.15 -23.88 17.81
CA ALA B 101 -17.25 -24.61 16.90
C ALA B 101 -17.28 -26.12 17.20
N VAL B 102 -17.27 -26.49 18.51
CA VAL B 102 -17.31 -27.88 18.97
C VAL B 102 -18.63 -28.52 18.57
N LYS B 103 -19.75 -27.82 18.84
CA LYS B 103 -21.10 -28.28 18.51
C LYS B 103 -21.34 -28.40 17.01
N PHE B 104 -20.59 -27.62 16.19
CA PHE B 104 -20.63 -27.68 14.73
C PHE B 104 -19.97 -29.01 14.32
N CYS B 105 -18.72 -29.22 14.80
CA CYS B 105 -17.90 -30.42 14.58
C CYS B 105 -18.63 -31.72 14.93
N GLU B 106 -19.42 -31.70 16.03
CA GLU B 106 -20.24 -32.83 16.47
C GLU B 106 -21.35 -33.08 15.44
N GLU B 107 -22.11 -32.02 15.09
CA GLU B 107 -23.22 -32.06 14.14
C GLU B 107 -22.80 -32.45 12.72
N TYR B 108 -21.55 -32.12 12.32
CA TYR B 108 -21.06 -32.40 10.97
C TYR B 108 -20.04 -33.56 10.88
N GLY B 109 -19.64 -34.09 12.03
CA GLY B 109 -18.71 -35.22 12.11
C GLY B 109 -17.28 -34.90 11.74
N ILE B 110 -16.73 -33.80 12.31
CA ILE B 110 -15.34 -33.37 12.11
C ILE B 110 -14.58 -33.63 13.41
N GLU B 111 -13.44 -34.34 13.34
CA GLU B 111 -12.62 -34.67 14.51
C GLU B 111 -11.96 -33.40 15.06
N TYR B 112 -12.43 -32.96 16.25
CA TYR B 112 -11.92 -31.74 16.86
C TYR B 112 -10.87 -32.01 17.95
N LYS B 113 -9.99 -31.02 18.17
CA LYS B 113 -8.91 -31.08 19.17
C LYS B 113 -8.74 -29.71 19.82
N ILE B 114 -9.23 -29.55 21.06
CA ILE B 114 -9.09 -28.29 21.79
C ILE B 114 -7.76 -28.31 22.55
N VAL B 115 -6.88 -27.39 22.15
CA VAL B 115 -5.53 -27.20 22.71
C VAL B 115 -5.52 -25.85 23.40
N HIS B 116 -5.00 -25.81 24.62
CA HIS B 116 -5.03 -24.58 25.41
C HIS B 116 -3.72 -23.81 25.36
N PHE B 117 -3.82 -22.49 25.60
CA PHE B 117 -2.70 -21.56 25.64
C PHE B 117 -1.90 -21.85 26.91
N LYS B 118 -2.61 -22.19 28.00
CA LYS B 118 -2.08 -22.54 29.33
C LYS B 118 -1.38 -23.94 29.39
N ASP B 119 -1.08 -24.55 28.23
CA ASP B 119 -0.38 -25.84 28.12
C ASP B 119 1.05 -25.64 27.62
N TYR B 120 1.20 -25.22 26.34
CA TYR B 120 2.47 -24.93 25.66
C TYR B 120 3.20 -23.77 26.36
N LEU B 121 2.40 -22.78 26.80
CA LEU B 121 2.82 -21.60 27.54
C LEU B 121 2.28 -21.78 28.97
N GLY B 122 3.05 -21.36 29.98
CA GLY B 122 2.65 -21.50 31.38
C GLY B 122 1.53 -20.57 31.79
N THR B 123 1.61 -19.30 31.35
CA THR B 123 0.65 -18.23 31.64
C THR B 123 -0.53 -18.24 30.65
N ASN B 124 -1.75 -18.38 31.20
CA ASN B 124 -3.00 -18.37 30.42
C ASN B 124 -3.31 -16.97 29.87
N LEU B 125 -3.47 -15.98 30.76
CA LEU B 125 -3.82 -14.61 30.37
C LEU B 125 -2.90 -13.52 30.97
N ASP B 126 -2.38 -12.65 30.08
CA ASP B 126 -1.55 -11.46 30.29
C ASP B 126 -0.23 -11.67 31.06
N GLU B 127 0.79 -10.95 30.56
CA GLU B 127 2.17 -10.92 31.07
C GLU B 127 2.47 -9.52 31.63
N ILE B 128 1.57 -9.03 32.52
CA ILE B 128 1.61 -7.72 33.17
C ILE B 128 2.80 -7.57 34.14
N VAL B 129 3.20 -6.30 34.42
CA VAL B 129 4.31 -5.96 35.34
C VAL B 129 3.78 -5.56 36.74
N THR B 138 4.09 -2.55 28.23
CA THR B 138 5.49 -2.94 28.05
C THR B 138 5.70 -3.52 26.63
N MET B 139 4.86 -4.49 26.21
CA MET B 139 4.88 -5.12 24.87
C MET B 139 3.44 -5.32 24.38
N ASN B 140 3.25 -5.33 23.04
CA ASN B 140 1.93 -5.46 22.38
C ASN B 140 1.17 -6.75 22.73
N PRO B 141 -0.12 -6.63 23.13
CA PRO B 141 -0.91 -7.81 23.55
C PRO B 141 -1.59 -8.62 22.45
N CYS B 142 -2.26 -7.93 21.51
CA CYS B 142 -2.97 -8.56 20.38
C CYS B 142 -2.01 -9.26 19.42
N SER B 143 -0.82 -8.68 19.19
CA SER B 143 0.21 -9.24 18.30
C SER B 143 0.80 -10.53 18.88
N PHE B 144 1.19 -10.48 20.17
CA PHE B 144 1.75 -11.57 20.97
C PHE B 144 0.87 -12.81 20.86
N CYS B 145 -0.46 -12.62 21.01
CA CYS B 145 -1.49 -13.66 20.95
C CYS B 145 -1.57 -14.34 19.58
N GLY B 146 -1.61 -13.53 18.52
CA GLY B 146 -1.69 -14.03 17.14
C GLY B 146 -0.46 -14.81 16.70
N VAL B 147 0.73 -14.34 17.14
CA VAL B 147 2.04 -14.96 16.83
C VAL B 147 2.15 -16.36 17.46
N ILE B 148 1.81 -16.47 18.76
CA ILE B 148 1.83 -17.73 19.51
C ILE B 148 0.84 -18.72 18.91
N ARG B 149 -0.45 -18.30 18.69
CA ARG B 149 -1.52 -19.11 18.10
C ARG B 149 -1.05 -19.81 16.82
N ARG B 150 -0.30 -19.08 15.96
CA ARG B 150 0.29 -19.58 14.71
C ARG B 150 1.30 -20.70 14.99
N LYS B 151 2.20 -20.48 15.97
CA LYS B 151 3.21 -21.46 16.35
C LYS B 151 2.58 -22.70 17.01
N ILE B 152 1.48 -22.52 17.77
CA ILE B 152 0.74 -23.59 18.43
C ILE B 152 0.07 -24.45 17.36
N LEU B 153 -0.66 -23.79 16.42
CA LEU B 153 -1.34 -24.46 15.31
C LEU B 153 -0.38 -25.22 14.41
N ASN B 154 0.84 -24.69 14.22
CA ASN B 154 1.89 -25.33 13.42
C ASN B 154 2.37 -26.60 14.12
N ARG B 155 2.53 -26.52 15.45
CA ARG B 155 2.98 -27.62 16.30
C ARG B 155 1.93 -28.73 16.44
N VAL B 156 0.62 -28.36 16.40
CA VAL B 156 -0.47 -29.33 16.52
C VAL B 156 -0.66 -30.06 15.18
N SER B 157 -0.45 -29.34 14.05
CA SER B 157 -0.55 -29.87 12.69
C SER B 157 0.59 -30.86 12.40
N ILE B 158 1.80 -30.55 12.92
CA ILE B 158 2.99 -31.42 12.78
C ILE B 158 2.73 -32.70 13.61
N GLU B 159 2.20 -32.52 14.85
CA GLU B 159 1.84 -33.57 15.81
C GLU B 159 0.81 -34.56 15.21
N GLU B 160 -0.19 -34.03 14.47
CA GLU B 160 -1.22 -34.84 13.81
C GLU B 160 -0.83 -35.26 12.39
N LYS B 161 0.36 -34.83 11.94
CA LYS B 161 0.96 -35.11 10.63
C LYS B 161 0.03 -34.70 9.47
N CYS B 162 -0.35 -33.42 9.49
CA CYS B 162 -1.21 -32.79 8.49
C CYS B 162 -0.39 -32.21 7.35
N ASP B 163 -0.95 -32.24 6.14
CA ASP B 163 -0.30 -31.70 4.96
C ASP B 163 -0.52 -30.20 4.80
N PHE B 164 -1.70 -29.71 5.25
CA PHE B 164 -2.06 -28.29 5.19
C PHE B 164 -2.77 -27.81 6.45
N LEU B 165 -2.62 -26.52 6.75
CA LEU B 165 -3.28 -25.85 7.87
C LEU B 165 -4.21 -24.80 7.25
N ALA B 166 -5.52 -25.06 7.29
CA ALA B 166 -6.53 -24.18 6.74
C ALA B 166 -6.91 -23.07 7.72
N ILE B 167 -6.81 -21.80 7.28
CA ILE B 167 -7.15 -20.60 8.06
C ILE B 167 -8.29 -19.84 7.34
N GLY B 168 -9.29 -19.44 8.12
CA GLY B 168 -10.49 -18.77 7.61
C GLY B 168 -10.37 -17.29 7.32
N HIS B 169 -9.32 -16.88 6.59
CA HIS B 169 -9.15 -15.47 6.24
C HIS B 169 -9.92 -15.21 4.96
N ASN B 170 -10.78 -14.17 4.97
CA ASN B 170 -11.57 -13.82 3.79
C ASN B 170 -10.88 -12.69 3.02
N LEU B 171 -11.36 -12.33 1.82
CA LEU B 171 -10.73 -11.27 1.01
C LEU B 171 -10.61 -9.92 1.75
N ASP B 172 -11.56 -9.62 2.65
CA ASP B 172 -11.56 -8.39 3.44
C ASP B 172 -10.44 -8.42 4.47
N ASP B 173 -10.29 -9.55 5.22
CA ASP B 173 -9.22 -9.75 6.21
C ASP B 173 -7.82 -9.62 5.58
N VAL B 174 -7.63 -10.21 4.38
CA VAL B 174 -6.38 -10.16 3.60
C VAL B 174 -6.16 -8.73 3.07
N ALA B 175 -7.20 -8.09 2.48
CA ALA B 175 -7.10 -6.72 1.96
C ALA B 175 -6.74 -5.72 3.07
N GLN B 176 -7.30 -5.91 4.29
CA GLN B 176 -7.02 -5.06 5.44
C GLN B 176 -5.59 -5.22 5.86
N ALA B 177 -5.12 -6.45 6.03
CA ALA B 177 -3.76 -6.76 6.46
C ALA B 177 -2.71 -6.24 5.49
N VAL B 178 -2.99 -6.34 4.18
CA VAL B 178 -2.11 -5.87 3.10
C VAL B 178 -2.00 -4.34 3.22
N MET B 179 -3.15 -3.66 3.30
CA MET B 179 -3.25 -2.21 3.43
C MET B 179 -2.59 -1.72 4.72
N MET B 180 -2.71 -2.48 5.84
CA MET B 180 -2.09 -2.16 7.13
C MET B 180 -0.57 -2.19 6.98
N ASN B 181 -0.04 -3.26 6.33
CA ASN B 181 1.39 -3.46 6.04
C ASN B 181 1.91 -2.34 5.11
N TYR B 182 1.04 -1.79 4.25
CA TYR B 182 1.34 -0.70 3.33
C TYR B 182 1.43 0.62 4.10
N ILE B 183 0.38 0.96 4.91
CA ILE B 183 0.30 2.18 5.73
C ILE B 183 1.40 2.24 6.79
N GLU B 184 1.74 1.09 7.40
CA GLU B 184 2.81 1.00 8.40
C GLU B 184 4.19 1.03 7.73
N GLY B 185 4.25 0.63 6.47
CA GLY B 185 5.48 0.60 5.68
C GLY B 185 6.42 -0.51 6.08
N ASP B 186 5.85 -1.63 6.57
CA ASP B 186 6.60 -2.81 7.00
C ASP B 186 7.08 -3.66 5.83
N VAL B 187 8.41 -3.76 5.69
CA VAL B 187 9.09 -4.57 4.66
C VAL B 187 9.71 -5.77 5.37
N LYS B 188 9.97 -5.65 6.69
CA LYS B 188 10.49 -6.72 7.55
C LYS B 188 9.39 -7.77 7.79
N LYS B 189 8.12 -7.30 7.94
CA LYS B 189 6.95 -8.15 8.11
C LYS B 189 6.57 -8.79 6.77
N LEU B 190 6.93 -8.11 5.66
CA LEU B 190 6.71 -8.55 4.27
C LEU B 190 7.75 -9.62 3.91
N ALA B 191 8.96 -9.55 4.52
CA ALA B 191 10.09 -10.45 4.30
C ALA B 191 9.84 -11.85 4.86
N PHE B 192 9.28 -11.96 6.09
CA PHE B 192 8.96 -13.23 6.74
C PHE B 192 7.88 -14.00 5.97
N LEU B 193 6.95 -13.27 5.31
CA LEU B 193 5.87 -13.83 4.49
C LEU B 193 6.43 -14.35 3.15
N GLY B 194 7.60 -13.85 2.75
CA GLY B 194 8.28 -14.25 1.52
C GLY B 194 8.64 -15.72 1.51
N LYS B 195 9.33 -16.19 2.57
CA LYS B 195 9.71 -17.58 2.72
C LYS B 195 8.52 -18.32 3.37
N SER B 196 7.59 -18.79 2.51
CA SER B 196 6.37 -19.50 2.91
C SER B 196 5.89 -20.50 1.84
N LEU B 197 6.77 -20.85 0.87
CA LEU B 197 6.49 -21.79 -0.21
C LEU B 197 6.34 -23.23 0.33
N LYS B 198 7.47 -23.95 0.51
CA LYS B 198 7.54 -25.30 1.05
C LYS B 198 8.84 -25.35 1.87
N HIS B 199 8.72 -25.66 3.17
CA HIS B 199 9.85 -25.68 4.11
C HIS B 199 9.97 -27.03 4.87
N PRO B 200 10.89 -27.24 5.86
CA PRO B 200 11.03 -28.58 6.50
C PRO B 200 9.78 -29.07 7.26
N LYS B 201 8.86 -29.67 6.49
CA LYS B 201 7.55 -30.19 6.90
C LYS B 201 6.76 -29.15 7.74
N PHE B 202 7.11 -27.85 7.56
CA PHE B 202 6.48 -26.69 8.20
C PHE B 202 5.13 -26.54 7.49
N VAL B 203 4.09 -27.13 8.11
CA VAL B 203 2.71 -27.22 7.61
C VAL B 203 2.24 -25.94 6.88
N LYS B 204 2.01 -26.07 5.56
CA LYS B 204 1.57 -25.02 4.65
C LYS B 204 0.23 -24.42 5.06
N ARG B 205 0.21 -23.08 5.25
CA ARG B 205 -0.97 -22.32 5.62
C ARG B 205 -1.81 -22.03 4.37
N ILE B 206 -2.99 -22.65 4.29
CA ILE B 206 -3.94 -22.45 3.19
C ILE B 206 -5.11 -21.63 3.66
N LYS B 207 -5.61 -20.76 2.80
CA LYS B 207 -6.74 -19.90 3.11
C LYS B 207 -7.82 -20.13 2.06
N PRO B 208 -8.77 -21.08 2.30
CA PRO B 208 -9.79 -21.38 1.27
C PRO B 208 -10.69 -20.19 0.96
N LEU B 209 -10.91 -19.30 1.95
CA LEU B 209 -11.81 -18.14 1.80
C LEU B 209 -11.13 -16.84 1.35
N GLU B 210 -9.81 -16.90 1.04
CA GLU B 210 -8.93 -15.81 0.58
C GLU B 210 -9.50 -14.89 -0.53
N LYS B 211 -10.45 -15.40 -1.35
CA LYS B 211 -11.01 -14.63 -2.47
C LYS B 211 -12.52 -14.39 -2.36
N ILE B 212 -13.13 -14.78 -1.23
CA ILE B 212 -14.55 -14.60 -0.93
C ILE B 212 -14.70 -13.37 0.00
N PRO B 213 -15.44 -12.31 -0.39
CA PRO B 213 -15.58 -11.15 0.51
C PRO B 213 -16.35 -11.49 1.78
N GLU B 214 -16.14 -10.71 2.86
CA GLU B 214 -16.78 -10.93 4.16
C GLU B 214 -18.31 -11.04 4.06
N ASP B 215 -18.93 -10.22 3.20
CA ASP B 215 -20.37 -10.15 2.94
C ASP B 215 -20.88 -11.45 2.35
N GLU B 216 -20.10 -12.06 1.43
CA GLU B 216 -20.43 -13.34 0.80
C GLU B 216 -20.30 -14.46 1.84
N VAL B 217 -19.21 -14.44 2.65
CA VAL B 217 -18.95 -15.40 3.73
C VAL B 217 -20.12 -15.37 4.72
N LEU B 218 -20.57 -14.15 5.09
CA LEU B 218 -21.68 -13.91 6.01
C LEU B 218 -23.02 -14.40 5.41
N LEU B 219 -23.25 -14.09 4.11
CA LEU B 219 -24.46 -14.50 3.39
C LEU B 219 -24.53 -16.03 3.31
N LEU B 220 -23.38 -16.68 3.05
CA LEU B 220 -23.28 -18.14 2.98
C LEU B 220 -23.55 -18.77 4.34
N ALA B 221 -23.16 -18.08 5.44
CA ALA B 221 -23.37 -18.54 6.82
C ALA B 221 -24.86 -18.51 7.16
N GLU B 222 -25.57 -17.46 6.69
CA GLU B 222 -27.00 -17.25 6.90
C GLU B 222 -27.84 -18.31 6.14
N MET B 223 -27.46 -18.60 4.88
CA MET B 223 -28.15 -19.57 4.03
C MET B 223 -27.99 -21.00 4.49
N LEU B 224 -26.83 -21.33 5.08
CA LEU B 224 -26.55 -22.69 5.58
C LEU B 224 -27.07 -22.90 7.01
N GLU B 225 -27.56 -21.80 7.64
CA GLU B 225 -28.12 -21.74 8.99
C GLU B 225 -27.09 -22.20 10.03
N LEU B 226 -25.80 -21.87 9.80
CA LEU B 226 -24.70 -22.25 10.69
C LEU B 226 -24.76 -21.45 11.98
N LYS B 227 -24.76 -22.15 13.13
CA LYS B 227 -24.85 -21.56 14.46
C LYS B 227 -23.47 -21.06 14.91
N TYR B 228 -23.01 -19.95 14.30
CA TYR B 228 -21.71 -19.35 14.60
C TYR B 228 -21.77 -18.37 15.78
N HIS B 229 -20.66 -18.24 16.52
CA HIS B 229 -20.56 -17.30 17.63
C HIS B 229 -19.44 -16.30 17.38
N LYS B 230 -19.76 -15.01 17.56
CA LYS B 230 -18.84 -13.88 17.35
C LYS B 230 -17.63 -13.90 18.29
N SER B 231 -17.86 -14.12 19.60
CA SER B 231 -16.87 -14.16 20.68
C SER B 231 -15.96 -12.91 20.72
N PRO B 232 -16.47 -11.77 21.24
CA PRO B 232 -15.63 -10.55 21.30
C PRO B 232 -14.50 -10.66 22.34
N CYS B 233 -13.29 -10.20 21.96
CA CYS B 233 -12.08 -10.26 22.80
C CYS B 233 -12.14 -9.27 23.99
N PRO B 234 -12.08 -9.75 25.26
CA PRO B 234 -12.13 -8.83 26.40
C PRO B 234 -10.79 -8.18 26.77
N TYR B 235 -9.67 -8.57 26.10
CA TYR B 235 -8.35 -8.02 26.40
C TYR B 235 -7.63 -7.40 25.19
N SER B 236 -8.31 -7.28 24.02
CA SER B 236 -7.73 -6.66 22.81
C SER B 236 -8.76 -6.03 21.86
N CYS B 237 -8.49 -4.78 21.48
CA CYS B 237 -9.32 -3.96 20.58
C CYS B 237 -8.42 -2.98 19.81
N LEU B 238 -8.03 -3.37 18.58
CA LEU B 238 -7.20 -2.53 17.74
C LEU B 238 -8.14 -1.76 16.80
N SER B 239 -8.18 -0.42 17.00
CA SER B 239 -9.01 0.49 16.22
C SER B 239 -8.46 0.78 14.81
N PHE B 240 -7.16 0.47 14.56
CA PHE B 240 -6.53 0.69 13.26
C PHE B 240 -7.12 -0.21 12.16
N ARG B 241 -7.35 -1.51 12.46
CA ARG B 241 -7.95 -2.47 11.54
C ARG B 241 -9.39 -2.05 11.19
N SER B 242 -10.15 -1.55 12.18
CA SER B 242 -11.52 -1.06 11.98
C SER B 242 -11.53 0.24 11.15
N GLU B 243 -10.40 1.00 11.18
CA GLU B 243 -10.24 2.23 10.40
C GLU B 243 -9.87 1.84 8.96
N VAL B 244 -8.93 0.88 8.80
CA VAL B 244 -8.44 0.34 7.53
C VAL B 244 -9.58 -0.36 6.78
N SER B 245 -10.44 -1.11 7.50
CA SER B 245 -11.60 -1.82 6.93
C SER B 245 -12.55 -0.82 6.28
N ASP B 246 -12.74 0.34 6.93
CA ASP B 246 -13.58 1.43 6.44
C ASP B 246 -12.98 2.04 5.17
N ILE B 247 -11.63 2.09 5.08
CA ILE B 247 -10.91 2.60 3.91
C ILE B 247 -11.17 1.66 2.72
N THR B 248 -10.92 0.33 2.89
CA THR B 248 -11.12 -0.70 1.87
C THR B 248 -12.59 -0.79 1.46
N ASP B 249 -13.52 -0.66 2.45
CA ASP B 249 -14.96 -0.70 2.20
C ASP B 249 -15.38 0.48 1.33
N ASN B 250 -14.98 1.73 1.70
CA ASN B 250 -15.30 2.93 0.93
C ASN B 250 -14.63 2.96 -0.44
N LEU B 251 -13.50 2.23 -0.57
CA LEU B 251 -12.81 2.08 -1.85
C LEU B 251 -13.59 1.14 -2.75
N GLU B 252 -14.12 0.03 -2.17
CA GLU B 252 -14.93 -0.96 -2.87
C GLU B 252 -16.28 -0.33 -3.27
N LYS B 253 -16.90 0.43 -2.34
CA LYS B 253 -18.17 1.15 -2.49
C LYS B 253 -18.13 2.20 -3.61
N ASN B 254 -16.92 2.66 -4.03
CA ASN B 254 -16.75 3.63 -5.11
C ASN B 254 -16.12 3.01 -6.35
N HIS B 255 -15.29 1.98 -6.16
CA HIS B 255 -14.57 1.28 -7.22
C HIS B 255 -14.69 -0.23 -6.94
N PRO B 256 -15.70 -0.92 -7.54
CA PRO B 256 -15.86 -2.36 -7.27
C PRO B 256 -14.68 -3.21 -7.77
N GLY B 257 -14.13 -4.00 -6.86
CA GLY B 257 -12.98 -4.86 -7.12
C GLY B 257 -11.67 -4.33 -6.59
N SER B 258 -11.73 -3.30 -5.71
CA SER B 258 -10.56 -2.65 -5.11
C SER B 258 -9.82 -3.61 -4.20
N LYS B 259 -10.55 -4.30 -3.30
CA LYS B 259 -10.02 -5.32 -2.37
C LYS B 259 -9.26 -6.40 -3.11
N TYR B 260 -9.77 -6.86 -4.27
CA TYR B 260 -9.08 -7.87 -5.08
C TYR B 260 -7.78 -7.32 -5.71
N SER B 261 -7.82 -6.10 -6.30
CA SER B 261 -6.66 -5.49 -6.93
C SER B 261 -5.58 -5.11 -5.93
N ILE B 262 -5.97 -4.82 -4.67
CA ILE B 262 -5.05 -4.53 -3.56
C ILE B 262 -4.29 -5.82 -3.24
N VAL B 263 -5.02 -6.96 -3.12
CA VAL B 263 -4.49 -8.30 -2.81
C VAL B 263 -3.65 -8.85 -3.97
N ARG B 264 -4.19 -8.85 -5.20
CA ARG B 264 -3.48 -9.33 -6.39
C ARG B 264 -2.17 -8.56 -6.60
N GLY B 265 -2.16 -7.29 -6.17
CA GLY B 265 -1.03 -6.39 -6.22
C GLY B 265 0.07 -6.79 -5.25
N TYR B 266 -0.32 -7.38 -4.12
CA TYR B 266 0.59 -7.86 -3.09
C TYR B 266 1.14 -9.23 -3.46
N GLU B 267 0.33 -10.05 -4.14
CA GLU B 267 0.68 -11.39 -4.60
C GLU B 267 1.81 -11.30 -5.61
N ARG B 268 1.68 -10.38 -6.59
CA ARG B 268 2.69 -10.12 -7.63
C ARG B 268 3.97 -9.55 -7.03
N LEU B 269 3.81 -8.70 -6.00
CA LEU B 269 4.89 -8.03 -5.27
C LEU B 269 5.75 -9.05 -4.54
N LEU B 270 5.10 -9.99 -3.83
CA LEU B 270 5.75 -11.04 -3.04
C LEU B 270 6.56 -12.06 -3.87
N GLU B 271 6.34 -12.10 -5.20
CA GLU B 271 7.07 -12.99 -6.11
C GLU B 271 8.40 -12.39 -6.53
N HIS B 272 8.46 -11.05 -6.59
CA HIS B 272 9.64 -10.30 -7.03
C HIS B 272 10.33 -9.54 -5.88
N ILE B 273 10.55 -10.24 -4.75
CA ILE B 273 11.24 -9.70 -3.56
C ILE B 273 12.27 -10.69 -3.03
N GLU B 274 13.51 -10.20 -2.78
CA GLU B 274 14.61 -11.01 -2.26
C GLU B 274 15.41 -10.23 -1.22
N GLY B 280 15.93 -25.65 10.01
CA GLY B 280 15.26 -25.07 11.16
C GLY B 280 16.21 -24.33 12.08
N GLU B 281 16.18 -22.98 12.02
CA GLU B 281 17.06 -22.13 12.82
C GLU B 281 16.34 -21.43 13.98
N CYS B 282 16.62 -21.89 15.22
CA CYS B 282 16.08 -21.40 16.51
C CYS B 282 16.77 -22.08 17.71
N LYS B 283 16.58 -21.52 18.93
CA LYS B 283 17.11 -22.04 20.18
C LYS B 283 16.00 -22.67 21.03
N ILE B 284 16.29 -23.82 21.66
CA ILE B 284 15.45 -24.63 22.56
C ILE B 284 14.18 -25.20 21.84
N CYS B 285 13.22 -24.33 21.41
CA CYS B 285 11.97 -24.74 20.77
C CYS B 285 12.13 -25.29 19.33
N GLY B 286 11.77 -24.48 18.33
CA GLY B 286 11.82 -24.87 16.93
C GLY B 286 11.91 -23.72 15.95
N GLY B 287 12.53 -24.00 14.81
CA GLY B 287 12.78 -23.06 13.72
C GLY B 287 11.59 -22.31 13.18
N LEU B 288 11.84 -21.05 12.77
CA LEU B 288 10.87 -20.13 12.17
C LEU B 288 11.59 -19.28 11.12
N SER B 289 12.80 -18.78 11.48
CA SER B 289 13.65 -17.94 10.60
C SER B 289 15.13 -18.11 10.96
N ALA B 290 15.59 -17.41 12.02
CA ALA B 290 16.98 -17.44 12.48
C ALA B 290 17.06 -17.66 13.99
N THR B 291 18.20 -18.21 14.45
CA THR B 291 18.49 -18.49 15.86
C THR B 291 18.43 -17.17 16.66
N GLU B 292 19.45 -16.29 16.53
CA GLU B 292 19.57 -14.96 17.17
C GLU B 292 19.02 -14.97 18.61
N VAL B 293 17.78 -14.48 18.79
CA VAL B 293 16.94 -14.43 20.00
C VAL B 293 15.54 -14.63 19.39
N CYS B 294 14.86 -15.74 19.76
CA CYS B 294 13.55 -16.07 19.19
C CYS B 294 12.51 -14.98 19.42
N LYS B 295 11.83 -14.57 18.33
CA LYS B 295 10.79 -13.53 18.27
C LYS B 295 9.60 -13.86 19.16
N VAL B 296 9.28 -15.16 19.31
CA VAL B 296 8.19 -15.67 20.16
C VAL B 296 8.72 -15.73 21.60
N CYS B 297 9.97 -16.21 21.77
CA CYS B 297 10.65 -16.35 23.07
C CYS B 297 11.22 -15.03 23.60
N SER B 298 10.95 -13.90 22.89
CA SER B 298 11.37 -12.55 23.25
C SER B 298 10.59 -12.13 24.51
N TYR B 299 9.29 -12.47 24.53
CA TYR B 299 8.36 -12.23 25.63
C TYR B 299 8.55 -13.32 26.69
N GLY B 300 9.04 -14.48 26.26
CA GLY B 300 9.34 -15.63 27.11
C GLY B 300 10.58 -15.38 27.96
N LYS B 301 11.58 -14.69 27.37
CA LYS B 301 12.83 -14.31 28.02
C LYS B 301 12.54 -13.33 29.15
N ASN B 302 11.57 -12.41 28.92
CA ASN B 302 11.10 -11.41 29.88
C ASN B 302 10.45 -12.03 31.14
N LEU B 303 10.01 -13.30 31.05
CA LEU B 303 9.39 -14.02 32.16
C LEU B 303 10.20 -15.29 32.52
N GLY B 304 10.03 -16.34 31.72
CA GLY B 304 10.70 -17.63 31.90
C GLY B 304 10.23 -18.66 30.91
N ILE B 305 11.17 -19.35 30.23
CA ILE B 305 10.92 -20.37 29.20
C ILE B 305 10.19 -21.59 29.79
N LEU B 306 9.10 -22.02 29.12
CA LEU B 306 8.27 -23.16 29.52
C LEU B 306 8.24 -24.28 28.47
N GLU B 307 7.77 -25.48 28.91
CA GLU B 307 7.67 -26.77 28.21
C GLU B 307 7.18 -26.75 26.74
N LYS B 308 7.49 -27.86 26.02
CA LYS B 308 7.23 -28.22 24.61
C LYS B 308 8.27 -27.60 23.67
N SER B 309 9.24 -28.45 23.24
CA SER B 309 10.38 -28.11 22.38
C SER B 309 10.89 -29.34 21.60
N LYS B 310 11.80 -29.12 20.62
CA LYS B 310 12.38 -30.18 19.78
C LYS B 310 13.58 -30.87 20.47
N PHE B 311 14.30 -31.74 19.72
CA PHE B 311 15.48 -32.52 20.17
C PHE B 311 16.58 -31.65 20.77
ZN ZN C . 12.22 29.14 17.62
ZN ZN D . 9.02 7.38 -29.06
FE1 SF4 E . -3.56 16.46 -16.50
FE2 SF4 E . -1.85 17.86 -18.15
FE3 SF4 E . -1.93 18.43 -15.46
FE4 SF4 E . -4.05 19.11 -17.06
S1 SF4 E . -1.91 19.94 -17.18
S2 SF4 E . -4.16 18.10 -15.00
S3 SF4 E . -4.06 17.36 -18.55
S4 SF4 E . -1.26 16.46 -16.43
S SO4 F . 8.79 10.53 -11.34
O1 SO4 F . 8.15 11.84 -11.22
O2 SO4 F . 9.86 10.39 -10.36
O3 SO4 F . 9.35 10.38 -12.69
O4 SO4 F . 7.78 9.50 -11.11
S SO4 G . 0.15 20.32 -13.82
O1 SO4 G . -0.39 21.42 -14.60
O2 SO4 G . 1.59 20.54 -13.59
O3 SO4 G . -0.04 19.06 -14.53
O4 SO4 G . -0.55 20.24 -12.53
S SO4 H . -8.92 0.94 -9.06
O1 SO4 H . -8.06 1.29 -10.20
O2 SO4 H . -9.81 2.07 -8.77
O3 SO4 H . -8.10 0.65 -7.90
O4 SO4 H . -9.71 -0.26 -9.39
S SO4 I . 14.76 33.34 -23.15
O1 SO4 I . 15.48 33.39 -21.89
O2 SO4 I . 14.95 34.60 -23.88
O3 SO4 I . 13.33 33.15 -22.87
O4 SO4 I . 15.25 32.24 -23.96
S SO4 J . 0.22 3.75 12.50
O1 SO4 J . 1.35 4.62 12.18
O2 SO4 J . -0.22 4.03 13.86
O3 SO4 J . -0.88 4.04 11.55
O4 SO4 J . 0.61 2.36 12.38
S SO4 K . 11.84 28.57 31.31
O1 SO4 K . 13.13 28.96 30.74
O2 SO4 K . 10.80 29.50 30.86
O3 SO4 K . 11.92 28.60 32.77
O4 SO4 K . 11.49 27.22 30.87
S SO4 L . 2.65 23.36 -8.40
O1 SO4 L . 4.11 23.30 -8.46
O2 SO4 L . 2.16 24.18 -9.50
O3 SO4 L . 2.21 23.93 -7.12
O4 SO4 L . 2.11 22.01 -8.53
S SO4 M . 4.46 19.57 -9.51
O1 SO4 M . 4.28 20.85 -10.20
O2 SO4 M . 5.88 19.31 -9.36
O3 SO4 M . 3.84 19.63 -8.19
O4 SO4 M . 3.82 18.51 -10.30
S SO4 N . 12.93 14.67 -32.13
O1 SO4 N . 13.54 15.69 -32.99
O2 SO4 N . 12.51 15.29 -30.87
O3 SO4 N . 13.91 13.61 -31.86
O4 SO4 N . 11.75 14.11 -32.79
S SO4 O . 9.70 14.35 -27.88
O1 SO4 O . 10.80 13.69 -27.17
O2 SO4 O . 10.07 15.75 -28.12
O3 SO4 O . 8.49 14.28 -27.06
O4 SO4 O . 9.47 13.69 -29.16
S SO4 P . 24.29 13.61 2.17
O1 SO4 P . 24.75 13.22 0.84
O2 SO4 P . 24.47 15.05 2.35
O3 SO4 P . 22.89 13.26 2.34
O4 SO4 P . 25.09 12.91 3.19
S SO4 Q . 37.19 24.81 -7.31
O1 SO4 Q . 38.16 25.90 -7.50
O2 SO4 Q . 36.60 24.89 -5.98
O3 SO4 Q . 37.88 23.53 -7.47
O4 SO4 Q . 36.13 24.93 -8.32
S SO4 R . 12.07 36.01 5.13
O1 SO4 R . 13.21 36.66 4.48
O2 SO4 R . 11.83 36.60 6.44
O3 SO4 R . 10.87 36.17 4.29
O4 SO4 R . 12.36 34.58 5.29
S SO4 S . -1.23 23.80 13.03
O1 SO4 S . -2.50 24.52 12.84
O2 SO4 S . -0.18 24.74 13.39
O3 SO4 S . -0.88 23.12 11.77
O4 SO4 S . -1.40 22.81 14.08
S SO4 T . 12.48 38.02 -22.90
O1 SO4 T . 12.21 38.58 -24.22
O2 SO4 T . 12.66 39.11 -21.94
O3 SO4 T . 11.34 37.19 -22.49
O4 SO4 T . 13.69 37.20 -22.94
S SO4 U . 9.03 39.48 5.92
O1 SO4 U . 8.93 40.93 5.74
O2 SO4 U . 9.84 39.19 7.11
O3 SO4 U . 7.69 38.92 6.09
O4 SO4 U . 9.66 38.89 4.74
S SO4 V . 19.01 10.63 -30.26
O1 SO4 V . 20.42 10.68 -30.66
O2 SO4 V . 18.61 11.93 -29.72
O3 SO4 V . 18.18 10.32 -31.44
O4 SO4 V . 18.82 9.59 -29.25
S SO4 W . 27.50 9.78 11.47
O1 SO4 W . 27.58 11.20 11.10
O2 SO4 W . 28.18 9.58 12.76
O3 SO4 W . 26.10 9.39 11.59
O4 SO4 W . 28.15 8.97 10.45
S SO4 X . 26.15 10.27 5.76
O1 SO4 X . 27.18 11.02 5.03
O2 SO4 X . 26.33 10.50 7.18
O3 SO4 X . 24.84 10.73 5.35
O4 SO4 X . 26.28 8.84 5.46
S SO4 Y . 20.42 23.74 16.60
O1 SO4 Y . 19.51 24.41 15.67
O2 SO4 Y . 21.74 24.36 16.53
O3 SO4 Y . 19.90 23.86 17.96
O4 SO4 Y . 20.53 22.33 16.24
S SO4 Z . 18.99 -4.91 4.53
O1 SO4 Z . 19.76 -3.94 3.74
O2 SO4 Z . 19.68 -5.14 5.81
O3 SO4 Z . 17.66 -4.37 4.78
O4 SO4 Z . 18.89 -6.18 3.81
S SO4 AA . 5.22 16.42 -13.49
O1 SO4 AA . 6.25 17.45 -13.61
O2 SO4 AA . 4.01 16.98 -12.88
O3 SO4 AA . 5.71 15.31 -12.69
O4 SO4 AA . 4.89 15.92 -14.84
ZN ZN BA . -29.83 -19.64 -10.18
ZN ZN CA . 11.69 -20.01 19.47
FE1 SF4 DA . -5.78 -10.12 19.83
FE2 SF4 DA . -5.52 -12.72 20.68
FE3 SF4 DA . -7.43 -12.09 18.81
FE4 SF4 DA . -7.72 -11.26 21.41
S1 SF4 DA . -7.70 -13.43 20.65
S2 SF4 DA . -8.06 -9.99 19.52
S3 SF4 DA . -5.53 -10.83 21.99
S4 SF4 DA . -5.14 -11.93 18.55
S SO4 EA . -3.41 -16.00 12.55
O1 SO4 EA . -2.87 -15.39 11.35
O2 SO4 EA . -4.10 -14.98 13.34
O3 SO4 EA . -4.37 -17.06 12.19
O4 SO4 EA . -2.31 -16.59 13.34
S SO4 FA . -0.54 -15.52 7.36
O1 SO4 FA . 0.12 -15.24 8.64
O2 SO4 FA . -0.30 -14.41 6.45
O3 SO4 FA . -1.97 -15.64 7.59
O4 SO4 FA . -0.01 -16.75 6.77
S SO4 GA . -12.94 -16.62 -12.21
O1 SO4 GA . -13.63 -15.33 -12.36
O2 SO4 GA . -11.61 -16.53 -12.83
O3 SO4 GA . -12.81 -16.93 -10.80
O4 SO4 GA . -13.71 -17.66 -12.89
S SO4 HA . -10.79 -12.58 17.30
O1 SO4 HA . -11.54 -11.37 17.66
O2 SO4 HA . -9.40 -12.45 17.75
O3 SO4 HA . -10.81 -12.73 15.84
O4 SO4 HA . -11.41 -13.74 17.93
S SO4 IA . -13.68 -16.58 12.84
O1 SO4 IA . -12.44 -16.69 12.08
O2 SO4 IA . -13.44 -15.86 14.09
O3 SO4 IA . -14.16 -17.91 13.16
O4 SO4 IA . -14.68 -15.87 12.06
S SO4 JA . -30.06 -25.77 4.78
O1 SO4 JA . -30.27 -24.80 3.69
O2 SO4 JA . -29.33 -25.12 5.88
O3 SO4 JA . -31.35 -26.25 5.28
O4 SO4 JA . -29.27 -26.90 4.28
S SO4 KA . -14.23 -10.53 11.65
O1 SO4 KA . -13.54 -9.67 10.68
O2 SO4 KA . -13.27 -11.05 12.61
O3 SO4 KA . -15.26 -9.76 12.34
O4 SO4 KA . -14.86 -11.65 10.93
S SO4 LA . -4.42 -36.56 20.56
O1 SO4 LA . -3.85 -35.55 19.66
O2 SO4 LA . -3.34 -37.18 21.34
O3 SO4 LA . -5.37 -35.92 21.47
O4 SO4 LA . -5.11 -37.60 19.79
S SO4 MA . -0.64 -38.36 19.01
O1 SO4 MA . -0.15 -38.11 20.36
O2 SO4 MA . -0.56 -37.12 18.24
O3 SO4 MA . -2.02 -38.82 19.07
O4 SO4 MA . 0.18 -39.38 18.36
S SO4 NA . -9.54 5.40 15.28
O1 SO4 NA . -8.35 4.55 15.27
O2 SO4 NA . -9.26 6.64 15.98
O3 SO4 NA . -10.65 4.72 15.97
O4 SO4 NA . -9.92 5.69 13.90
S SO4 OA . -22.95 -1.68 -9.40
O1 SO4 OA . -23.27 -0.53 -10.24
O2 SO4 OA . -22.27 -1.22 -8.19
O3 SO4 OA . -22.07 -2.60 -10.14
O4 SO4 OA . -24.19 -2.38 -9.04
S SO4 PA . -12.77 -13.28 -9.09
O1 SO4 PA . -11.97 -12.49 -10.02
O2 SO4 PA . -13.22 -12.42 -7.98
O3 SO4 PA . -13.94 -13.82 -9.77
O4 SO4 PA . -11.96 -14.38 -8.56
S SO4 QA . -26.62 -0.72 -1.51
O1 SO4 QA . -26.49 0.14 -2.69
O2 SO4 QA . -25.40 -0.64 -0.70
O3 SO4 QA . -27.76 -0.26 -0.70
O4 SO4 QA . -26.85 -2.09 -1.92
S SO4 RA . -9.19 -15.97 14.44
O1 SO4 RA . -8.49 -16.79 15.43
O2 SO4 RA . -8.46 -14.72 14.23
O3 SO4 RA . -10.53 -15.68 14.92
O4 SO4 RA . -9.27 -16.71 13.17
S SO4 SA . -0.82 -18.21 1.21
O1 SO4 SA . -0.76 -17.26 0.09
O2 SO4 SA . -0.26 -17.58 2.40
O3 SO4 SA . -2.21 -18.56 1.44
O4 SO4 SA . -0.06 -19.41 0.87
S SO4 TA . 2.46 -32.13 -5.28
O1 SO4 TA . 2.50 -31.34 -6.51
O2 SO4 TA . 3.78 -32.12 -4.67
O3 SO4 TA . 2.07 -33.51 -5.61
O4 SO4 TA . 1.47 -31.56 -4.36
S SO4 UA . -0.72 -31.68 23.68
O1 SO4 UA . -1.17 -31.79 22.29
O2 SO4 UA . 0.36 -30.70 23.78
O3 SO4 UA . -1.84 -31.25 24.51
O4 SO4 UA . -0.25 -32.99 24.14
S SO4 VA . -24.10 4.35 0.41
O1 SO4 VA . -23.75 5.07 -0.81
O2 SO4 VA . -23.19 4.77 1.49
O3 SO4 VA . -25.48 4.65 0.80
O4 SO4 VA . -23.96 2.92 0.20
S SO4 WA . -7.37 -11.79 11.61
O1 SO4 WA . -8.25 -10.62 11.68
O2 SO4 WA . -6.25 -11.49 10.73
O3 SO4 WA . -6.88 -12.09 12.95
O4 SO4 WA . -8.12 -12.93 11.10
S SO4 XA . 5.65 -23.74 21.28
O1 SO4 XA . 6.93 -23.95 20.61
O2 SO4 XA . 5.34 -22.31 21.26
O3 SO4 XA . 5.73 -24.21 22.67
O4 SO4 XA . 4.60 -24.47 20.58
S SO4 YA . -17.91 9.87 2.14
O1 SO4 YA . -18.02 11.11 1.38
O2 SO4 YA . -16.54 9.69 2.59
O3 SO4 YA . -18.80 9.94 3.30
O4 SO4 YA . -18.31 8.74 1.31
S SO4 ZA . -18.13 -15.45 -8.60
O1 SO4 ZA . -19.21 -15.08 -9.52
O2 SO4 ZA . -17.17 -14.34 -8.51
O3 SO4 ZA . -18.68 -15.74 -7.27
O4 SO4 ZA . -17.45 -16.65 -9.11
S SO4 AB . -34.69 -23.00 0.59
O1 SO4 AB . -34.38 -22.85 2.01
O2 SO4 AB . -34.87 -21.67 -0.01
O3 SO4 AB . -35.92 -23.78 0.44
O4 SO4 AB . -33.58 -23.69 -0.08
#